data_1JQ4
#
_entry.id   1JQ4
#
_cell.length_a   ?
_cell.length_b   ?
_cell.length_c   ?
_cell.angle_alpha   ?
_cell.angle_beta   ?
_cell.angle_gamma   ?
#
loop_
_entity.id
_entity.type
_entity.pdbx_description
1 polymer 'METHANE MONOOXYGENASE COMPONENT C'
2 non-polymer 'FE2/S2 (INORGANIC) CLUSTER'
#
_entity_poly.entity_id   1
_entity_poly.type   'polypeptide(L)'
_entity_poly.pdbx_seq_one_letter_code
;MQRVHTITAVTEDGESLRFECRSDEDVITAALRQNIFLMSSCREGGCATCKALCSEGDYDLKGCSVQALPPEEEEEGLVL
LCRTYPKTDLEIELPYTH
;
_entity_poly.pdbx_strand_id   A
#
loop_
_chem_comp.id
_chem_comp.type
_chem_comp.name
_chem_comp.formula
FES non-polymer 'FE2/S2 (INORGANIC) CLUSTER' 'Fe2 S2'
#
# COMPACT_ATOMS: atom_id res chain seq x y z
N MET A 1 18.99 -3.14 -17.14
CA MET A 1 19.68 -3.40 -15.84
C MET A 1 18.69 -3.36 -14.68
N GLN A 2 18.05 -2.24 -14.48
CA GLN A 2 17.05 -2.13 -13.37
C GLN A 2 15.63 -2.25 -13.92
N ARG A 3 14.69 -2.62 -13.09
CA ARG A 3 13.27 -2.75 -13.57
C ARG A 3 12.48 -1.50 -13.20
N VAL A 4 11.80 -0.92 -14.15
CA VAL A 4 10.99 0.30 -13.87
C VAL A 4 9.65 -0.08 -13.24
N HIS A 5 9.04 0.79 -12.49
CA HIS A 5 7.70 0.45 -11.91
C HIS A 5 6.79 1.68 -11.95
N THR A 6 5.50 1.44 -12.00
CA THR A 6 4.52 2.57 -12.02
C THR A 6 3.46 2.31 -10.96
N ILE A 7 3.36 3.18 -9.99
CA ILE A 7 2.36 2.97 -8.90
C ILE A 7 1.08 3.79 -9.17
N THR A 8 -0.02 3.11 -9.32
CA THR A 8 -1.31 3.82 -9.52
C THR A 8 -2.08 3.69 -8.22
N ALA A 9 -2.14 4.74 -7.44
CA ALA A 9 -2.84 4.63 -6.13
C ALA A 9 -3.96 5.65 -5.99
N VAL A 10 -5.17 5.18 -5.82
CA VAL A 10 -6.32 6.12 -5.63
C VAL A 10 -6.98 5.82 -4.29
N THR A 11 -7.23 6.82 -3.52
CA THR A 11 -7.90 6.60 -2.22
C THR A 11 -9.40 6.65 -2.46
N GLU A 12 -10.10 5.70 -1.92
CA GLU A 12 -11.58 5.72 -2.06
C GLU A 12 -12.13 6.92 -1.27
N ASP A 13 -11.30 7.60 -0.48
CA ASP A 13 -11.77 8.86 0.15
C ASP A 13 -12.00 9.86 -0.99
N GLY A 14 -11.20 9.77 -2.05
CA GLY A 14 -11.38 10.66 -3.23
C GLY A 14 -10.05 11.17 -3.82
N GLU A 15 -8.93 10.53 -3.56
CA GLU A 15 -7.64 11.02 -4.16
C GLU A 15 -7.19 10.03 -5.25
N SER A 16 -6.60 10.50 -6.32
CA SER A 16 -6.18 9.55 -7.41
C SER A 16 -4.86 9.98 -8.05
N LEU A 17 -3.85 9.13 -7.98
CA LEU A 17 -2.52 9.50 -8.54
C LEU A 17 -1.81 8.34 -9.23
N ARG A 18 -1.04 8.69 -10.22
CA ARG A 18 -0.23 7.72 -10.96
C ARG A 18 1.20 8.25 -10.99
N PHE A 19 2.08 7.66 -10.23
CA PHE A 19 3.51 8.14 -10.23
C PHE A 19 4.45 7.12 -10.86
N GLU A 20 5.69 7.48 -10.89
CA GLU A 20 6.75 6.61 -11.43
C GLU A 20 7.81 6.41 -10.36
N CYS A 21 8.27 5.23 -10.25
CA CYS A 21 9.33 4.89 -9.27
C CYS A 21 10.00 3.57 -9.69
N ARG A 22 11.30 3.50 -9.63
CA ARG A 22 12.00 2.26 -10.04
C ARG A 22 12.62 1.59 -8.84
N SER A 23 12.90 0.31 -8.96
CA SER A 23 13.52 -0.49 -7.86
C SER A 23 12.64 -0.48 -6.60
N ASP A 24 12.64 0.61 -5.87
CA ASP A 24 11.81 0.69 -4.64
C ASP A 24 10.49 1.42 -4.97
N GLU A 25 9.46 0.68 -5.27
CA GLU A 25 8.16 1.34 -5.62
C GLU A 25 7.56 2.05 -4.42
N ASP A 26 7.22 1.32 -3.39
CA ASP A 26 6.61 1.89 -2.12
C ASP A 26 5.82 3.20 -2.37
N VAL A 27 4.50 3.12 -2.46
CA VAL A 27 3.67 4.36 -2.70
C VAL A 27 4.11 5.51 -1.79
N ILE A 28 4.59 5.24 -0.60
CA ILE A 28 5.06 6.38 0.24
C ILE A 28 6.44 6.82 -0.26
N THR A 29 7.38 5.92 -0.36
CA THR A 29 8.76 6.33 -0.81
C THR A 29 8.73 6.96 -2.20
N ALA A 30 8.06 6.34 -3.14
CA ALA A 30 8.03 6.93 -4.52
C ALA A 30 7.40 8.33 -4.51
N ALA A 31 6.20 8.48 -4.01
CA ALA A 31 5.57 9.84 -4.02
C ALA A 31 6.21 10.72 -2.95
N LEU A 32 7.03 10.19 -2.08
CA LEU A 32 7.78 11.08 -1.18
C LEU A 32 9.00 11.59 -1.98
N ARG A 33 9.48 10.77 -2.90
CA ARG A 33 10.65 11.14 -3.75
C ARG A 33 10.20 11.94 -4.99
N GLN A 34 8.97 11.80 -5.38
CA GLN A 34 8.48 12.55 -6.57
C GLN A 34 8.13 14.01 -6.20
N ASN A 35 7.35 14.21 -5.16
CA ASN A 35 6.98 15.61 -4.74
C ASN A 35 5.90 15.60 -3.64
N ILE A 36 5.07 14.59 -3.62
CA ILE A 36 3.99 14.53 -2.59
C ILE A 36 4.55 13.93 -1.30
N PHE A 37 3.78 13.93 -0.24
CA PHE A 37 4.28 13.38 1.05
C PHE A 37 3.12 12.71 1.80
N LEU A 38 2.88 11.46 1.48
CA LEU A 38 1.76 10.72 2.10
C LEU A 38 2.17 10.01 3.38
N MET A 39 1.25 9.33 3.98
CA MET A 39 1.53 8.59 5.25
C MET A 39 0.36 7.68 5.60
N SER A 40 0.60 6.41 5.78
CA SER A 40 -0.51 5.47 6.11
C SER A 40 -1.21 5.93 7.41
N SER A 41 -0.76 5.49 8.57
CA SER A 41 -1.40 5.94 9.84
C SER A 41 -0.50 5.62 11.05
N CYS A 42 -0.72 4.52 11.73
CA CYS A 42 0.14 4.19 12.92
C CYS A 42 1.20 3.14 12.56
N ARG A 43 0.99 2.35 11.53
CA ARG A 43 1.97 1.31 11.13
C ARG A 43 2.25 0.33 12.31
N GLU A 44 1.25 0.11 13.14
CA GLU A 44 1.43 -0.81 14.30
C GLU A 44 0.76 -2.17 14.04
N GLY A 45 -0.04 -2.28 13.00
CA GLY A 45 -0.71 -3.59 12.69
C GLY A 45 -1.57 -4.05 13.86
N GLY A 46 -2.42 -3.19 14.38
CA GLY A 46 -3.28 -3.58 15.54
C GLY A 46 -4.65 -2.86 15.50
N CYS A 47 -4.95 -2.13 14.44
CA CYS A 47 -6.27 -1.40 14.40
C CYS A 47 -7.33 -2.21 13.65
N ALA A 48 -6.97 -2.79 12.54
CA ALA A 48 -7.95 -3.58 11.71
C ALA A 48 -9.04 -2.65 11.12
N THR A 49 -8.84 -1.34 11.18
CA THR A 49 -9.84 -0.40 10.60
C THR A 49 -9.39 0.05 9.19
N CYS A 50 -8.11 0.23 9.03
CA CYS A 50 -7.52 0.65 7.71
C CYS A 50 -7.67 -0.45 6.66
N LYS A 51 -8.88 -0.91 6.39
CA LYS A 51 -9.07 -1.98 5.36
C LYS A 51 -8.80 -1.46 3.94
N ALA A 52 -7.56 -1.44 3.53
CA ALA A 52 -7.20 -0.93 2.18
C ALA A 52 -7.45 -1.98 1.10
N LEU A 53 -7.31 -1.66 -0.18
CA LEU A 53 -7.58 -2.71 -1.21
C LEU A 53 -6.44 -2.75 -2.24
N CYS A 54 -6.26 -3.88 -2.89
CA CYS A 54 -5.17 -4.01 -3.90
C CYS A 54 -5.73 -4.35 -5.28
N SER A 55 -5.61 -3.46 -6.23
CA SER A 55 -6.15 -3.75 -7.60
C SER A 55 -5.29 -4.81 -8.30
N GLU A 56 -4.05 -4.49 -8.58
CA GLU A 56 -3.16 -5.47 -9.26
C GLU A 56 -1.69 -5.20 -8.93
N GLY A 57 -0.88 -6.18 -9.17
CA GLY A 57 0.58 -6.08 -8.85
C GLY A 57 0.91 -7.13 -7.80
N ASP A 58 2.11 -7.64 -7.84
CA ASP A 58 2.51 -8.72 -6.88
C ASP A 58 3.10 -8.16 -5.58
N TYR A 59 2.90 -6.90 -5.31
CA TYR A 59 3.51 -6.30 -4.09
C TYR A 59 3.08 -7.03 -2.82
N ASP A 60 3.80 -6.85 -1.75
CA ASP A 60 3.51 -7.60 -0.50
C ASP A 60 2.92 -6.71 0.58
N LEU A 61 2.21 -7.33 1.48
CA LEU A 61 1.59 -6.59 2.60
C LEU A 61 1.45 -7.50 3.82
N LYS A 62 2.26 -7.32 4.83
CA LYS A 62 2.18 -8.21 6.02
C LYS A 62 1.83 -7.42 7.28
N GLY A 63 0.80 -7.83 7.98
CA GLY A 63 0.41 -7.12 9.25
C GLY A 63 1.63 -7.04 10.16
N CYS A 64 1.49 -6.35 11.27
CA CYS A 64 2.62 -6.24 12.23
C CYS A 64 2.39 -7.21 13.40
N SER A 65 1.21 -7.20 13.96
CA SER A 65 0.91 -8.12 15.11
C SER A 65 0.28 -9.41 14.58
N VAL A 66 1.00 -10.13 13.77
CA VAL A 66 0.47 -11.41 13.21
C VAL A 66 0.19 -12.39 14.35
N GLN A 67 0.94 -12.28 15.42
CA GLN A 67 0.74 -13.18 16.59
C GLN A 67 -0.54 -12.84 17.37
N ALA A 68 -1.16 -11.73 17.03
CA ALA A 68 -2.48 -11.38 17.64
C ALA A 68 -3.52 -11.76 16.59
N LEU A 69 -3.26 -11.50 15.33
CA LEU A 69 -4.26 -11.86 14.27
C LEU A 69 -3.54 -12.24 12.96
N PRO A 70 -3.96 -13.32 12.34
CA PRO A 70 -3.34 -13.74 11.06
C PRO A 70 -3.84 -12.83 9.93
N PRO A 71 -2.93 -12.40 9.06
CA PRO A 71 -3.33 -11.50 7.95
C PRO A 71 -3.91 -12.25 6.76
N GLU A 72 -4.12 -13.54 6.88
CA GLU A 72 -4.70 -14.28 5.73
C GLU A 72 -6.15 -13.82 5.56
N GLU A 73 -7.00 -14.21 6.46
CA GLU A 73 -8.43 -13.82 6.40
C GLU A 73 -8.54 -12.30 6.23
N GLU A 74 -7.57 -11.59 6.75
CA GLU A 74 -7.59 -10.09 6.61
C GLU A 74 -7.09 -9.70 5.23
N GLU A 75 -6.29 -10.54 4.62
CA GLU A 75 -5.83 -10.26 3.24
C GLU A 75 -6.97 -10.62 2.29
N GLU A 76 -7.54 -11.79 2.48
CA GLU A 76 -8.70 -12.20 1.66
C GLU A 76 -9.89 -11.26 1.93
N GLY A 77 -9.83 -10.48 3.02
CA GLY A 77 -10.90 -9.50 3.28
C GLY A 77 -10.58 -8.36 2.35
N LEU A 78 -9.35 -7.91 2.43
CA LEU A 78 -8.87 -6.79 1.62
C LEU A 78 -7.35 -6.66 1.76
N VAL A 79 -6.83 -5.48 1.57
CA VAL A 79 -5.36 -5.28 1.71
C VAL A 79 -5.06 -4.12 2.68
N LEU A 80 -3.90 -4.14 3.29
CA LEU A 80 -3.53 -3.07 4.26
C LEU A 80 -2.37 -2.22 3.73
N LEU A 81 -2.50 -0.92 3.73
CA LEU A 81 -1.39 -0.05 3.23
C LEU A 81 -0.46 0.34 4.38
N CYS A 82 -0.54 -0.33 5.52
CA CYS A 82 0.35 0.02 6.66
C CYS A 82 1.74 -0.61 6.49
N ARG A 83 1.85 -1.67 5.72
CA ARG A 83 3.20 -2.29 5.48
C ARG A 83 3.68 -1.88 4.08
N THR A 84 2.93 -2.26 3.09
CA THR A 84 3.24 -1.90 1.67
C THR A 84 4.65 -2.29 1.22
N TYR A 85 4.81 -3.44 0.58
CA TYR A 85 6.18 -3.85 0.12
C TYR A 85 6.41 -3.36 -1.32
N PRO A 86 7.64 -2.99 -1.63
CA PRO A 86 7.96 -2.47 -2.98
C PRO A 86 8.34 -3.58 -3.97
N LYS A 87 7.83 -4.79 -3.80
CA LYS A 87 8.21 -5.88 -4.75
C LYS A 87 7.66 -5.54 -6.14
N THR A 88 6.37 -5.52 -6.29
CA THR A 88 5.76 -5.15 -7.60
C THR A 88 4.35 -4.60 -7.37
N ASP A 89 4.20 -3.31 -7.27
CA ASP A 89 2.84 -2.73 -7.06
C ASP A 89 2.38 -1.98 -8.31
N LEU A 90 1.36 -2.49 -8.93
CA LEU A 90 0.83 -1.87 -10.16
C LEU A 90 -0.28 -0.86 -9.83
N GLU A 91 -1.26 -1.29 -9.07
CA GLU A 91 -2.38 -0.40 -8.69
C GLU A 91 -2.88 -0.76 -7.28
N ILE A 92 -3.05 0.21 -6.42
CA ILE A 92 -3.53 -0.10 -5.04
C ILE A 92 -4.50 0.99 -4.55
N GLU A 93 -5.43 0.62 -3.72
CA GLU A 93 -6.36 1.63 -3.13
C GLU A 93 -5.75 2.00 -1.78
N LEU A 94 -6.02 3.17 -1.27
CA LEU A 94 -5.43 3.57 0.03
C LEU A 94 -6.21 2.93 1.20
N PRO A 95 -5.69 3.11 2.40
CA PRO A 95 -6.33 2.50 3.60
C PRO A 95 -7.59 3.24 4.03
N TYR A 96 -7.77 4.43 3.53
CA TYR A 96 -9.02 5.21 3.84
C TYR A 96 -9.94 5.03 2.64
N THR A 97 -11.17 5.46 2.78
CA THR A 97 -12.16 5.31 1.68
C THR A 97 -13.36 6.25 1.89
N HIS A 98 -13.81 6.39 3.11
CA HIS A 98 -14.97 7.29 3.39
C HIS A 98 -14.64 8.24 4.55
FE1 FES B . -3.22 0.89 12.44
FE2 FES B . -3.27 0.15 9.83
S1 FES B . -4.24 2.02 10.74
S2 FES B . -2.71 -1.18 11.61
N MET A 1 20.77 -5.21 -14.56
CA MET A 1 19.93 -4.04 -14.97
C MET A 1 18.90 -3.74 -13.87
N GLN A 2 18.29 -2.58 -13.93
CA GLN A 2 17.28 -2.20 -12.90
C GLN A 2 15.86 -2.28 -13.49
N ARG A 3 14.89 -2.56 -12.67
CA ARG A 3 13.48 -2.65 -13.18
C ARG A 3 12.69 -1.41 -12.77
N VAL A 4 11.96 -0.83 -13.69
CA VAL A 4 11.16 0.37 -13.36
C VAL A 4 9.82 -0.02 -12.72
N HIS A 5 9.18 0.87 -12.01
CA HIS A 5 7.85 0.53 -11.41
C HIS A 5 6.91 1.71 -11.55
N THR A 6 5.65 1.43 -11.74
CA THR A 6 4.63 2.50 -11.88
C THR A 6 3.48 2.21 -10.93
N ILE A 7 3.23 3.07 -9.97
CA ILE A 7 2.13 2.81 -9.01
C ILE A 7 0.95 3.76 -9.25
N THR A 8 -0.20 3.22 -9.55
CA THR A 8 -1.40 4.07 -9.74
C THR A 8 -2.25 3.88 -8.50
N ALA A 9 -2.27 4.86 -7.63
CA ALA A 9 -3.06 4.68 -6.37
C ALA A 9 -4.10 5.77 -6.20
N VAL A 10 -5.34 5.36 -6.04
CA VAL A 10 -6.42 6.36 -5.82
C VAL A 10 -7.08 6.07 -4.49
N THR A 11 -7.32 7.10 -3.73
CA THR A 11 -8.02 6.88 -2.44
C THR A 11 -9.49 7.04 -2.70
N GLU A 12 -10.28 6.12 -2.23
CA GLU A 12 -11.75 6.24 -2.43
C GLU A 12 -12.25 7.45 -1.63
N ASP A 13 -11.42 8.08 -0.81
CA ASP A 13 -11.85 9.34 -0.17
C ASP A 13 -12.11 10.35 -1.31
N GLY A 14 -11.34 10.24 -2.40
CA GLY A 14 -11.57 11.12 -3.58
C GLY A 14 -10.30 11.60 -4.30
N GLU A 15 -9.12 11.08 -3.98
CA GLU A 15 -7.90 11.56 -4.73
C GLU A 15 -7.33 10.44 -5.60
N SER A 16 -6.76 10.79 -6.73
CA SER A 16 -6.22 9.74 -7.67
C SER A 16 -4.85 10.12 -8.22
N LEU A 17 -3.86 9.26 -8.06
CA LEU A 17 -2.48 9.60 -8.53
C LEU A 17 -1.75 8.41 -9.13
N ARG A 18 -0.89 8.73 -10.05
CA ARG A 18 -0.01 7.72 -10.67
C ARG A 18 1.42 8.28 -10.59
N PHE A 19 2.26 7.72 -9.76
CA PHE A 19 3.67 8.22 -9.68
C PHE A 19 4.62 7.21 -10.31
N GLU A 20 5.87 7.57 -10.30
CA GLU A 20 6.93 6.70 -10.84
C GLU A 20 8.02 6.52 -9.81
N CYS A 21 8.52 5.35 -9.74
CA CYS A 21 9.63 5.01 -8.79
C CYS A 21 10.27 3.70 -9.23
N ARG A 22 11.57 3.59 -9.16
CA ARG A 22 12.25 2.35 -9.58
C ARG A 22 12.82 1.62 -8.37
N SER A 23 13.07 0.35 -8.52
CA SER A 23 13.61 -0.51 -7.41
C SER A 23 12.64 -0.55 -6.23
N ASP A 24 12.56 0.51 -5.48
CA ASP A 24 11.62 0.55 -4.32
C ASP A 24 10.40 1.40 -4.67
N GLU A 25 9.35 0.79 -5.18
CA GLU A 25 8.14 1.58 -5.54
C GLU A 25 7.45 2.11 -4.29
N ASP A 26 6.97 1.21 -3.46
CA ASP A 26 6.30 1.56 -2.15
C ASP A 26 5.47 2.86 -2.20
N VAL A 27 4.16 2.74 -2.22
CA VAL A 27 3.27 3.97 -2.28
C VAL A 27 3.75 5.06 -1.32
N ILE A 28 4.25 4.73 -0.17
CA ILE A 28 4.74 5.82 0.72
C ILE A 28 6.10 6.30 0.22
N THR A 29 7.05 5.41 0.01
CA THR A 29 8.41 5.85 -0.45
C THR A 29 8.38 6.57 -1.80
N ALA A 30 7.64 6.07 -2.76
CA ALA A 30 7.60 6.74 -4.09
C ALA A 30 6.89 8.08 -4.01
N ALA A 31 5.70 8.12 -3.46
CA ALA A 31 4.97 9.43 -3.40
C ALA A 31 5.54 10.32 -2.31
N LEU A 32 6.42 9.83 -1.47
CA LEU A 32 7.11 10.74 -0.52
C LEU A 32 8.28 11.37 -1.30
N ARG A 33 8.86 10.61 -2.20
CA ARG A 33 10.00 11.09 -3.03
C ARG A 33 9.53 11.90 -4.23
N GLN A 34 8.29 11.73 -4.63
CA GLN A 34 7.79 12.49 -5.80
C GLN A 34 7.31 13.88 -5.37
N ASN A 35 6.48 13.98 -4.34
CA ASN A 35 6.00 15.33 -3.87
C ASN A 35 4.93 15.19 -2.77
N ILE A 36 4.16 14.13 -2.80
CA ILE A 36 3.09 13.95 -1.77
C ILE A 36 3.68 13.32 -0.50
N PHE A 37 2.92 13.19 0.55
CA PHE A 37 3.47 12.59 1.80
C PHE A 37 2.38 11.86 2.58
N LEU A 38 2.24 10.59 2.31
CA LEU A 38 1.21 9.76 2.99
C LEU A 38 1.74 9.14 4.28
N MET A 39 0.92 8.40 4.96
CA MET A 39 1.38 7.75 6.24
C MET A 39 0.36 6.74 6.77
N SER A 40 -0.49 6.19 5.92
CA SER A 40 -1.50 5.18 6.38
C SER A 40 -2.27 5.68 7.63
N SER A 41 -1.79 5.38 8.83
CA SER A 41 -2.50 5.84 10.07
C SER A 41 -1.56 5.73 11.29
N CYS A 42 -1.45 4.56 11.87
CA CYS A 42 -0.56 4.39 13.06
C CYS A 42 0.80 3.81 12.65
N ARG A 43 0.89 3.22 11.47
CA ARG A 43 2.20 2.63 11.02
C ARG A 43 2.72 1.62 12.05
N GLU A 44 1.83 0.91 12.68
CA GLU A 44 2.25 -0.10 13.71
C GLU A 44 1.69 -1.49 13.38
N GLY A 45 0.59 -1.57 12.66
CA GLY A 45 0.02 -2.90 12.30
C GLY A 45 -0.81 -3.45 13.47
N GLY A 46 -1.60 -2.60 14.10
CA GLY A 46 -2.42 -3.08 15.26
C GLY A 46 -3.78 -2.35 15.39
N CYS A 47 -4.02 -1.27 14.66
CA CYS A 47 -5.35 -0.57 14.81
C CYS A 47 -6.42 -1.10 13.82
N ALA A 48 -6.05 -1.99 12.93
CA ALA A 48 -7.06 -2.56 11.96
C ALA A 48 -7.83 -1.46 11.22
N THR A 49 -7.24 -0.31 11.06
CA THR A 49 -7.93 0.81 10.34
C THR A 49 -7.47 0.83 8.87
N CYS A 50 -6.27 0.41 8.63
CA CYS A 50 -5.72 0.39 7.23
C CYS A 50 -6.42 -0.68 6.37
N LYS A 51 -7.73 -0.64 6.26
CA LYS A 51 -8.43 -1.64 5.40
C LYS A 51 -8.39 -1.15 3.95
N ALA A 52 -7.32 -1.39 3.26
CA ALA A 52 -7.21 -0.88 1.85
C ALA A 52 -7.47 -1.95 0.78
N LEU A 53 -7.54 -1.59 -0.47
CA LEU A 53 -7.82 -2.63 -1.52
C LEU A 53 -6.75 -2.56 -2.61
N CYS A 54 -6.54 -3.66 -3.30
CA CYS A 54 -5.50 -3.68 -4.36
C CYS A 54 -6.08 -4.00 -5.75
N SER A 55 -5.94 -3.11 -6.70
CA SER A 55 -6.50 -3.38 -8.05
C SER A 55 -5.70 -4.49 -8.73
N GLU A 56 -4.44 -4.26 -8.98
CA GLU A 56 -3.59 -5.29 -9.64
C GLU A 56 -2.13 -5.11 -9.26
N GLY A 57 -1.36 -6.13 -9.47
CA GLY A 57 0.09 -6.10 -9.12
C GLY A 57 0.35 -7.20 -8.08
N ASP A 58 1.53 -7.75 -8.10
CA ASP A 58 1.88 -8.87 -7.17
C ASP A 58 2.41 -8.37 -5.82
N TYR A 59 2.21 -7.12 -5.50
CA TYR A 59 2.73 -6.57 -4.21
C TYR A 59 2.29 -7.40 -3.00
N ASP A 60 3.21 -7.75 -2.13
CA ASP A 60 2.88 -8.60 -0.96
C ASP A 60 2.17 -7.80 0.11
N LEU A 61 1.61 -8.49 1.05
CA LEU A 61 0.88 -7.81 2.16
C LEU A 61 1.13 -8.53 3.49
N LYS A 62 2.05 -8.03 4.28
CA LYS A 62 2.36 -8.70 5.58
C LYS A 62 2.08 -7.76 6.76
N GLY A 63 1.04 -8.04 7.51
CA GLY A 63 0.73 -7.17 8.71
C GLY A 63 1.98 -7.04 9.57
N CYS A 64 1.93 -6.20 10.58
CA CYS A 64 3.11 -6.04 11.48
C CYS A 64 2.93 -6.91 12.72
N SER A 65 1.81 -6.79 13.38
CA SER A 65 1.57 -7.64 14.60
C SER A 65 0.91 -8.95 14.19
N VAL A 66 1.59 -9.72 13.39
CA VAL A 66 1.02 -11.03 12.95
C VAL A 66 0.79 -11.93 14.16
N GLN A 67 1.53 -11.72 15.22
CA GLN A 67 1.37 -12.55 16.44
C GLN A 67 0.07 -12.24 17.20
N ALA A 68 -0.59 -11.15 16.83
CA ALA A 68 -1.92 -10.84 17.41
C ALA A 68 -2.95 -11.29 16.36
N LEU A 69 -2.70 -11.03 15.10
CA LEU A 69 -3.68 -11.45 14.06
C LEU A 69 -2.97 -11.86 12.76
N PRO A 70 -3.35 -12.99 12.18
CA PRO A 70 -2.73 -13.44 10.91
C PRO A 70 -3.24 -12.55 9.76
N PRO A 71 -2.34 -12.12 8.90
CA PRO A 71 -2.75 -11.24 7.78
C PRO A 71 -3.30 -12.02 6.59
N GLU A 72 -3.44 -13.31 6.69
CA GLU A 72 -4.00 -14.09 5.56
C GLU A 72 -5.47 -13.70 5.40
N GLU A 73 -6.28 -14.13 6.34
CA GLU A 73 -7.73 -13.83 6.29
C GLU A 73 -7.94 -12.32 6.14
N GLU A 74 -7.00 -11.55 6.64
CA GLU A 74 -7.12 -10.06 6.51
C GLU A 74 -6.66 -9.62 5.12
N GLU A 75 -5.84 -10.44 4.49
CA GLU A 75 -5.39 -10.12 3.11
C GLU A 75 -6.53 -10.53 2.16
N GLU A 76 -7.04 -11.73 2.37
CA GLU A 76 -8.20 -12.19 1.56
C GLU A 76 -9.42 -11.30 1.88
N GLY A 77 -9.37 -10.53 2.95
CA GLY A 77 -10.48 -9.60 3.25
C GLY A 77 -10.23 -8.43 2.33
N LEU A 78 -9.03 -7.94 2.39
CA LEU A 78 -8.63 -6.77 1.58
C LEU A 78 -7.11 -6.61 1.61
N VAL A 79 -6.65 -5.42 1.34
CA VAL A 79 -5.18 -5.16 1.38
C VAL A 79 -4.86 -4.02 2.37
N LEU A 80 -3.90 -4.24 3.22
CA LEU A 80 -3.52 -3.20 4.23
C LEU A 80 -2.35 -2.36 3.70
N LEU A 81 -2.49 -1.07 3.73
CA LEU A 81 -1.38 -0.18 3.24
C LEU A 81 -0.37 0.12 4.36
N CYS A 82 -0.40 -0.64 5.44
CA CYS A 82 0.55 -0.41 6.58
C CYS A 82 2.00 -0.30 6.07
N ARG A 83 2.45 -1.26 5.30
CA ARG A 83 3.86 -1.19 4.77
C ARG A 83 4.03 -2.11 3.54
N THR A 84 3.48 -3.29 3.60
CA THR A 84 3.54 -4.26 2.45
C THR A 84 4.96 -4.41 1.87
N TYR A 85 5.13 -5.33 0.95
CA TYR A 85 6.49 -5.57 0.36
C TYR A 85 6.60 -4.94 -1.03
N PRO A 86 7.78 -4.43 -1.36
CA PRO A 86 7.98 -3.80 -2.70
C PRO A 86 8.07 -4.84 -3.83
N LYS A 87 7.12 -5.75 -3.94
CA LYS A 87 7.25 -6.79 -5.03
C LYS A 87 6.77 -6.25 -6.37
N THR A 88 5.48 -6.03 -6.52
CA THR A 88 4.96 -5.49 -7.81
C THR A 88 3.61 -4.79 -7.59
N ASP A 89 3.59 -3.49 -7.48
CA ASP A 89 2.28 -2.79 -7.27
C ASP A 89 1.89 -2.04 -8.55
N LEU A 90 0.89 -2.51 -9.22
CA LEU A 90 0.45 -1.86 -10.47
C LEU A 90 -0.60 -0.78 -10.16
N GLU A 91 -1.63 -1.17 -9.44
CA GLU A 91 -2.72 -0.22 -9.07
C GLU A 91 -3.28 -0.59 -7.69
N ILE A 92 -3.42 0.35 -6.79
CA ILE A 92 -3.97 0.01 -5.44
C ILE A 92 -4.87 1.14 -4.92
N GLU A 93 -5.85 0.78 -4.13
CA GLU A 93 -6.73 1.82 -3.51
C GLU A 93 -6.15 2.08 -2.13
N LEU A 94 -6.43 3.20 -1.53
CA LEU A 94 -5.87 3.50 -0.19
C LEU A 94 -6.73 2.87 0.91
N PRO A 95 -6.27 2.98 2.15
CA PRO A 95 -7.01 2.36 3.27
C PRO A 95 -8.23 3.18 3.71
N TYR A 96 -8.30 4.39 3.25
CA TYR A 96 -9.50 5.25 3.56
C TYR A 96 -10.38 5.25 2.31
N THR A 97 -11.58 5.74 2.45
CA THR A 97 -12.53 5.77 1.29
C THR A 97 -13.63 6.82 1.55
N HIS A 98 -13.34 7.82 2.33
CA HIS A 98 -14.35 8.87 2.62
C HIS A 98 -13.68 10.12 3.22
FE1 FES B . -2.88 0.66 11.92
FE2 FES B . -2.19 -0.55 9.58
S1 FES B . -2.33 1.70 9.96
S2 FES B . -2.96 -1.57 11.48
N MET A 1 21.33 -2.99 -15.66
CA MET A 1 19.96 -2.61 -16.08
C MET A 1 19.01 -2.65 -14.88
N GLN A 2 18.20 -1.63 -14.72
CA GLN A 2 17.25 -1.60 -13.58
C GLN A 2 15.81 -1.78 -14.07
N ARG A 3 14.91 -2.17 -13.21
CA ARG A 3 13.50 -2.37 -13.63
C ARG A 3 12.65 -1.15 -13.24
N VAL A 4 11.89 -0.63 -14.17
CA VAL A 4 11.03 0.55 -13.86
C VAL A 4 9.74 0.11 -13.17
N HIS A 5 9.05 1.00 -12.48
CA HIS A 5 7.77 0.59 -11.85
C HIS A 5 6.73 1.70 -12.04
N THR A 6 5.50 1.32 -12.13
CA THR A 6 4.40 2.32 -12.31
C THR A 6 3.32 2.05 -11.27
N ILE A 7 3.09 2.98 -10.38
CA ILE A 7 2.06 2.75 -9.33
C ILE A 7 0.82 3.63 -9.57
N THR A 8 -0.32 3.01 -9.68
CA THR A 8 -1.57 3.79 -9.84
C THR A 8 -2.28 3.69 -8.50
N ALA A 9 -2.27 4.74 -7.73
CA ALA A 9 -2.90 4.66 -6.38
C ALA A 9 -4.01 5.69 -6.21
N VAL A 10 -5.20 5.23 -5.94
CA VAL A 10 -6.32 6.17 -5.72
C VAL A 10 -6.92 5.93 -4.35
N THR A 11 -7.14 6.99 -3.63
CA THR A 11 -7.79 6.84 -2.32
C THR A 11 -9.28 6.94 -2.54
N GLU A 12 -10.02 6.03 -1.99
CA GLU A 12 -11.50 6.08 -2.16
C GLU A 12 -12.04 7.33 -1.43
N ASP A 13 -11.22 8.04 -0.68
CA ASP A 13 -11.70 9.33 -0.11
C ASP A 13 -12.00 10.27 -1.31
N GLY A 14 -11.29 10.08 -2.42
CA GLY A 14 -11.55 10.91 -3.64
C GLY A 14 -10.26 11.40 -4.35
N GLU A 15 -9.11 10.86 -4.02
CA GLU A 15 -7.86 11.32 -4.71
C GLU A 15 -7.33 10.19 -5.62
N SER A 16 -6.83 10.52 -6.80
CA SER A 16 -6.33 9.46 -7.73
C SER A 16 -5.07 9.89 -8.49
N LEU A 17 -4.00 9.13 -8.39
CA LEU A 17 -2.73 9.54 -9.08
C LEU A 17 -1.88 8.36 -9.52
N ARG A 18 -1.18 8.53 -10.60
CA ARG A 18 -0.25 7.50 -11.09
C ARG A 18 1.17 8.04 -10.88
N PHE A 19 1.90 7.44 -9.96
CA PHE A 19 3.30 7.91 -9.71
C PHE A 19 4.29 7.03 -10.46
N GLU A 20 5.49 7.51 -10.63
CA GLU A 20 6.55 6.73 -11.31
C GLU A 20 7.75 6.64 -10.37
N CYS A 21 8.30 5.49 -10.30
CA CYS A 21 9.51 5.26 -9.46
C CYS A 21 10.17 3.94 -9.88
N ARG A 22 11.48 3.88 -9.87
CA ARG A 22 12.18 2.65 -10.26
C ARG A 22 12.81 2.02 -9.01
N SER A 23 13.08 0.75 -9.07
CA SER A 23 13.69 0.01 -7.91
C SER A 23 12.75 0.04 -6.70
N ASP A 24 12.59 1.17 -6.07
CA ASP A 24 11.68 1.25 -4.88
C ASP A 24 10.32 1.80 -5.33
N GLU A 25 9.40 0.92 -5.66
CA GLU A 25 8.05 1.37 -6.12
C GLU A 25 7.07 1.48 -4.96
N ASP A 26 7.55 1.81 -3.79
CA ASP A 26 6.64 1.92 -2.62
C ASP A 26 5.88 3.24 -2.65
N VAL A 27 4.58 3.16 -2.64
CA VAL A 27 3.71 4.38 -2.73
C VAL A 27 4.22 5.52 -1.84
N ILE A 28 4.75 5.24 -0.68
CA ILE A 28 5.28 6.38 0.12
C ILE A 28 6.65 6.76 -0.45
N THR A 29 7.55 5.83 -0.63
CA THR A 29 8.91 6.19 -1.16
C THR A 29 8.84 6.85 -2.54
N ALA A 30 8.10 6.29 -3.45
CA ALA A 30 8.02 6.91 -4.81
C ALA A 30 7.37 8.30 -4.77
N ALA A 31 6.19 8.41 -4.20
CA ALA A 31 5.52 9.75 -4.18
C ALA A 31 6.17 10.66 -3.14
N LEU A 32 7.03 10.17 -2.29
CA LEU A 32 7.78 11.09 -1.41
C LEU A 32 8.96 11.63 -2.25
N ARG A 33 9.44 10.82 -3.17
CA ARG A 33 10.58 11.21 -4.05
C ARG A 33 10.08 12.00 -5.26
N GLN A 34 8.83 11.82 -5.63
CA GLN A 34 8.28 12.56 -6.80
C GLN A 34 8.02 14.01 -6.40
N ASN A 35 7.29 14.23 -5.32
CA ASN A 35 6.98 15.63 -4.83
C ASN A 35 5.92 15.59 -3.73
N ILE A 36 5.04 14.62 -3.75
CA ILE A 36 3.96 14.53 -2.73
C ILE A 36 4.50 13.89 -1.45
N PHE A 37 3.72 13.86 -0.40
CA PHE A 37 4.20 13.26 0.88
C PHE A 37 3.01 12.69 1.66
N LEU A 38 2.68 11.45 1.37
CA LEU A 38 1.53 10.78 2.02
C LEU A 38 1.92 10.08 3.30
N MET A 39 0.96 9.46 3.94
CA MET A 39 1.22 8.72 5.21
C MET A 39 -0.03 7.96 5.63
N SER A 40 0.13 6.84 6.30
CA SER A 40 -1.06 6.06 6.76
C SER A 40 -1.85 6.89 7.77
N SER A 41 -2.48 6.27 8.76
CA SER A 41 -3.26 7.05 9.76
C SER A 41 -3.13 6.45 11.16
N CYS A 42 -3.20 5.15 11.27
CA CYS A 42 -3.09 4.50 12.63
C CYS A 42 -1.66 3.97 12.90
N ARG A 43 -1.07 3.28 11.95
CA ARG A 43 0.33 2.76 12.12
C ARG A 43 0.61 2.13 13.52
N GLU A 44 -0.17 1.16 13.95
CA GLU A 44 0.11 0.52 15.29
C GLU A 44 0.38 -0.99 15.12
N GLY A 45 -0.18 -1.60 14.09
CA GLY A 45 0.04 -3.07 13.86
C GLY A 45 -1.04 -3.92 14.55
N GLY A 46 -1.93 -3.31 15.30
CA GLY A 46 -3.01 -4.09 15.99
C GLY A 46 -4.35 -3.33 15.95
N CYS A 47 -4.40 -2.26 15.19
CA CYS A 47 -5.66 -1.42 15.11
C CYS A 47 -6.60 -1.90 13.99
N ALA A 48 -6.09 -2.58 13.00
CA ALA A 48 -6.97 -3.06 11.87
C ALA A 48 -7.80 -1.91 11.28
N THR A 49 -7.31 -0.70 11.38
CA THR A 49 -8.08 0.48 10.83
C THR A 49 -7.70 0.75 9.37
N CYS A 50 -6.43 0.91 9.09
CA CYS A 50 -5.98 1.18 7.68
C CYS A 50 -6.16 -0.06 6.80
N LYS A 51 -7.37 -0.58 6.70
CA LYS A 51 -7.60 -1.77 5.82
C LYS A 51 -7.62 -1.33 4.36
N ALA A 52 -6.48 -1.27 3.72
CA ALA A 52 -6.44 -0.77 2.32
C ALA A 52 -6.73 -1.86 1.28
N LEU A 53 -6.90 -1.53 0.02
CA LEU A 53 -7.21 -2.58 -0.99
C LEU A 53 -6.21 -2.52 -2.13
N CYS A 54 -5.96 -3.63 -2.79
CA CYS A 54 -4.98 -3.63 -3.89
C CYS A 54 -5.60 -4.05 -5.23
N SER A 55 -5.70 -3.16 -6.18
CA SER A 55 -6.33 -3.52 -7.49
C SER A 55 -5.53 -4.63 -8.16
N GLU A 56 -4.27 -4.38 -8.44
CA GLU A 56 -3.44 -5.43 -9.09
C GLU A 56 -1.96 -5.21 -8.76
N GLY A 57 -1.19 -6.22 -8.95
CA GLY A 57 0.26 -6.16 -8.63
C GLY A 57 0.56 -7.16 -7.52
N ASP A 58 1.73 -7.74 -7.55
CA ASP A 58 2.10 -8.77 -6.53
C ASP A 58 2.68 -8.16 -5.24
N TYR A 59 2.50 -6.89 -5.02
CA TYR A 59 3.06 -6.25 -3.78
C TYR A 59 2.52 -6.93 -2.53
N ASP A 60 3.38 -7.39 -1.65
CA ASP A 60 2.90 -8.09 -0.43
C ASP A 60 2.58 -7.08 0.66
N LEU A 61 1.43 -7.21 1.25
CA LEU A 61 1.03 -6.26 2.32
C LEU A 61 0.45 -7.03 3.51
N LYS A 62 1.24 -7.28 4.53
CA LYS A 62 0.74 -8.06 5.70
C LYS A 62 0.75 -7.24 6.99
N GLY A 63 -0.25 -7.42 7.82
CA GLY A 63 -0.31 -6.68 9.13
C GLY A 63 1.00 -6.89 9.90
N CYS A 64 1.12 -6.30 11.07
CA CYS A 64 2.36 -6.46 11.87
C CYS A 64 2.20 -7.55 12.93
N SER A 65 1.10 -7.53 13.66
CA SER A 65 0.90 -8.56 14.73
C SER A 65 0.28 -9.83 14.15
N VAL A 66 1.01 -10.53 13.32
CA VAL A 66 0.49 -11.81 12.73
C VAL A 66 0.22 -12.82 13.87
N GLN A 67 0.99 -12.72 14.93
CA GLN A 67 0.81 -13.64 16.09
C GLN A 67 -0.44 -13.28 16.91
N ALA A 68 -1.06 -12.17 16.60
CA ALA A 68 -2.35 -11.81 17.25
C ALA A 68 -3.43 -12.20 16.22
N LEU A 69 -3.20 -11.93 14.97
CA LEU A 69 -4.21 -12.28 13.92
C LEU A 69 -3.52 -12.67 12.60
N PRO A 70 -3.95 -13.74 11.99
CA PRO A 70 -3.34 -14.17 10.71
C PRO A 70 -3.78 -13.21 9.59
N PRO A 71 -2.87 -12.86 8.71
CA PRO A 71 -3.21 -11.91 7.62
C PRO A 71 -3.91 -12.61 6.45
N GLU A 72 -4.23 -13.87 6.56
CA GLU A 72 -4.93 -14.56 5.45
C GLU A 72 -6.34 -13.97 5.33
N GLU A 73 -7.17 -14.26 6.29
CA GLU A 73 -8.56 -13.75 6.27
C GLU A 73 -8.54 -12.24 6.13
N GLU A 74 -7.50 -11.61 6.62
CA GLU A 74 -7.40 -10.12 6.49
C GLU A 74 -6.92 -9.75 5.09
N GLU A 75 -6.24 -10.67 4.44
CA GLU A 75 -5.79 -10.42 3.05
C GLU A 75 -6.99 -10.65 2.13
N GLU A 76 -7.70 -11.74 2.35
CA GLU A 76 -8.92 -12.01 1.56
C GLU A 76 -9.98 -10.93 1.87
N GLY A 77 -9.79 -10.19 2.96
CA GLY A 77 -10.74 -9.09 3.28
C GLY A 77 -10.29 -7.96 2.37
N LEU A 78 -9.02 -7.66 2.45
CA LEU A 78 -8.44 -6.56 1.67
C LEU A 78 -6.92 -6.65 1.71
N VAL A 79 -6.24 -5.54 1.61
CA VAL A 79 -4.74 -5.57 1.67
C VAL A 79 -4.25 -4.85 2.94
N LEU A 80 -3.16 -5.30 3.51
CA LEU A 80 -2.64 -4.65 4.75
C LEU A 80 -1.37 -3.85 4.45
N LEU A 81 -1.46 -2.55 4.54
CA LEU A 81 -0.26 -1.68 4.27
C LEU A 81 0.55 -1.46 5.56
N CYS A 82 0.32 -2.26 6.57
CA CYS A 82 1.07 -2.08 7.85
C CYS A 82 2.57 -2.33 7.60
N ARG A 83 2.90 -3.13 6.62
CA ARG A 83 4.34 -3.42 6.30
C ARG A 83 4.67 -2.91 4.88
N THR A 84 3.95 -3.39 3.91
CA THR A 84 4.16 -2.97 2.46
C THR A 84 5.48 -3.51 1.89
N TYR A 85 5.39 -4.50 1.02
CA TYR A 85 6.62 -5.11 0.42
C TYR A 85 6.88 -4.56 -1.00
N PRO A 86 8.13 -4.27 -1.31
CA PRO A 86 8.48 -3.74 -2.67
C PRO A 86 8.47 -4.83 -3.76
N LYS A 87 7.49 -5.72 -3.79
CA LYS A 87 7.53 -6.81 -4.84
C LYS A 87 7.00 -6.32 -6.18
N THR A 88 5.72 -6.05 -6.30
CA THR A 88 5.15 -5.57 -7.59
C THR A 88 3.83 -4.81 -7.34
N ASP A 89 3.86 -3.49 -7.34
CA ASP A 89 2.60 -2.73 -7.10
C ASP A 89 2.13 -2.06 -8.39
N LEU A 90 1.11 -2.60 -8.97
CA LEU A 90 0.57 -2.03 -10.24
C LEU A 90 -0.51 -0.98 -9.93
N GLU A 91 -1.49 -1.37 -9.15
CA GLU A 91 -2.60 -0.43 -8.78
C GLU A 91 -3.11 -0.75 -7.37
N ILE A 92 -3.21 0.23 -6.50
CA ILE A 92 -3.68 -0.04 -5.10
C ILE A 92 -4.54 1.13 -4.59
N GLU A 93 -5.47 0.84 -3.72
CA GLU A 93 -6.28 1.92 -3.11
C GLU A 93 -5.63 2.26 -1.75
N LEU A 94 -5.84 3.45 -1.25
CA LEU A 94 -5.22 3.82 0.05
C LEU A 94 -6.04 3.17 1.18
N PRO A 95 -5.61 3.32 2.42
CA PRO A 95 -6.35 2.69 3.55
C PRO A 95 -7.57 3.49 3.98
N TYR A 96 -7.72 4.66 3.44
CA TYR A 96 -8.92 5.52 3.75
C TYR A 96 -9.86 5.37 2.56
N THR A 97 -11.08 5.79 2.74
CA THR A 97 -12.10 5.68 1.65
C THR A 97 -13.24 6.68 1.86
N HIS A 98 -13.68 6.84 3.10
CA HIS A 98 -14.79 7.79 3.39
C HIS A 98 -14.63 8.39 4.78
FE1 FES B . -3.49 0.12 11.65
FE2 FES B . -2.45 -1.22 9.55
S1 FES B . -4.37 -1.74 10.68
S2 FES B . -1.32 0.23 10.89
N MET A 1 19.16 -2.74 -16.74
CA MET A 1 19.86 -3.05 -15.46
C MET A 1 18.87 -3.09 -14.31
N GLN A 2 18.12 -2.03 -14.11
CA GLN A 2 17.12 -2.00 -13.00
C GLN A 2 15.70 -2.04 -13.58
N ARG A 3 14.75 -2.47 -12.78
CA ARG A 3 13.34 -2.54 -13.27
C ARG A 3 12.55 -1.30 -12.84
N VAL A 4 11.83 -0.69 -13.75
CA VAL A 4 11.04 0.52 -13.39
C VAL A 4 9.70 0.10 -12.76
N HIS A 5 9.05 0.97 -12.03
CA HIS A 5 7.71 0.59 -11.46
C HIS A 5 6.76 1.78 -11.54
N THR A 6 5.51 1.51 -11.73
CA THR A 6 4.50 2.60 -11.80
C THR A 6 3.37 2.28 -10.82
N ILE A 7 3.22 3.07 -9.79
CA ILE A 7 2.16 2.78 -8.80
C ILE A 7 0.96 3.72 -9.00
N THR A 8 -0.19 3.17 -9.26
CA THR A 8 -1.40 4.01 -9.41
C THR A 8 -2.23 3.82 -8.15
N ALA A 9 -2.23 4.81 -7.28
CA ALA A 9 -2.97 4.65 -6.00
C ALA A 9 -4.06 5.70 -5.84
N VAL A 10 -5.29 5.26 -5.79
CA VAL A 10 -6.41 6.22 -5.58
C VAL A 10 -7.09 5.92 -4.26
N THR A 11 -7.33 6.93 -3.49
CA THR A 11 -8.04 6.69 -2.21
C THR A 11 -9.52 6.83 -2.50
N GLU A 12 -10.30 5.90 -2.04
CA GLU A 12 -11.76 6.00 -2.25
C GLU A 12 -12.29 7.20 -1.46
N ASP A 13 -11.47 7.85 -0.64
CA ASP A 13 -11.93 9.12 0.01
C ASP A 13 -12.19 10.11 -1.15
N GLY A 14 -11.42 10.00 -2.24
CA GLY A 14 -11.66 10.87 -3.43
C GLY A 14 -10.39 11.37 -4.12
N GLU A 15 -9.20 10.89 -3.78
CA GLU A 15 -7.97 11.38 -4.50
C GLU A 15 -7.37 10.27 -5.35
N SER A 16 -6.79 10.64 -6.48
CA SER A 16 -6.20 9.60 -7.39
C SER A 16 -4.87 10.05 -8.01
N LEU A 17 -3.83 9.26 -7.87
CA LEU A 17 -2.50 9.69 -8.41
C LEU A 17 -1.69 8.52 -8.95
N ARG A 18 -0.85 8.82 -9.91
CA ARG A 18 0.06 7.80 -10.46
C ARG A 18 1.47 8.27 -10.12
N PHE A 19 2.14 7.59 -9.25
CA PHE A 19 3.54 8.02 -8.88
C PHE A 19 4.52 7.17 -9.71
N GLU A 20 5.74 7.62 -9.84
CA GLU A 20 6.76 6.85 -10.58
C GLU A 20 7.88 6.54 -9.60
N CYS A 21 8.33 5.35 -9.62
CA CYS A 21 9.42 4.92 -8.70
C CYS A 21 10.06 3.62 -9.20
N ARG A 22 11.36 3.53 -9.17
CA ARG A 22 12.05 2.32 -9.63
C ARG A 22 12.68 1.63 -8.43
N SER A 23 12.96 0.36 -8.55
CA SER A 23 13.57 -0.44 -7.44
C SER A 23 12.65 -0.45 -6.21
N ASP A 24 12.56 0.64 -5.50
CA ASP A 24 11.66 0.70 -4.30
C ASP A 24 10.34 1.35 -4.70
N GLU A 25 9.37 0.56 -5.09
CA GLU A 25 8.06 1.12 -5.51
C GLU A 25 7.08 1.23 -4.34
N ASP A 26 7.55 1.11 -3.13
CA ASP A 26 6.66 1.20 -1.95
C ASP A 26 6.03 2.58 -1.89
N VAL A 27 4.73 2.62 -1.95
CA VAL A 27 3.98 3.92 -1.97
C VAL A 27 4.53 4.92 -0.96
N ILE A 28 5.13 4.48 0.11
CA ILE A 28 5.73 5.47 1.05
C ILE A 28 7.05 5.94 0.47
N THR A 29 8.00 5.05 0.34
CA THR A 29 9.34 5.44 -0.19
C THR A 29 9.24 6.10 -1.56
N ALA A 30 8.49 5.54 -2.48
CA ALA A 30 8.38 6.14 -3.84
C ALA A 30 7.70 7.51 -3.80
N ALA A 31 6.52 7.61 -3.22
CA ALA A 31 5.82 8.92 -3.21
C ALA A 31 6.44 9.85 -2.17
N LEU A 32 7.34 9.38 -1.34
CA LEU A 32 8.06 10.32 -0.46
C LEU A 32 9.24 10.88 -1.28
N ARG A 33 9.76 10.07 -2.17
CA ARG A 33 10.90 10.50 -3.05
C ARG A 33 10.40 11.33 -4.23
N GLN A 34 9.18 11.14 -4.62
CA GLN A 34 8.62 11.94 -5.76
C GLN A 34 8.30 13.35 -5.29
N ASN A 35 7.48 13.47 -4.25
CA ASN A 35 7.08 14.81 -3.69
C ASN A 35 5.90 14.63 -2.72
N ILE A 36 5.12 13.60 -2.91
CA ILE A 36 3.95 13.36 -2.02
C ILE A 36 4.47 12.85 -0.67
N PHE A 37 3.60 12.65 0.28
CA PHE A 37 4.06 12.18 1.62
C PHE A 37 2.90 11.61 2.43
N LEU A 38 2.58 10.37 2.17
CA LEU A 38 1.45 9.71 2.89
C LEU A 38 1.95 9.03 4.17
N MET A 39 1.04 8.43 4.90
CA MET A 39 1.44 7.73 6.16
C MET A 39 0.25 6.94 6.74
N SER A 40 -0.63 6.45 5.89
CA SER A 40 -1.81 5.66 6.37
C SER A 40 -2.48 6.33 7.60
N SER A 41 -2.13 5.92 8.80
CA SER A 41 -2.74 6.55 10.01
C SER A 41 -1.91 6.21 11.26
N CYS A 42 -2.00 4.98 11.72
CA CYS A 42 -1.22 4.58 12.94
C CYS A 42 0.05 3.83 12.55
N ARG A 43 0.03 3.15 11.42
CA ARG A 43 1.23 2.37 10.95
C ARG A 43 1.66 1.37 12.04
N GLU A 44 0.72 0.68 12.62
CA GLU A 44 1.05 -0.31 13.68
C GLU A 44 0.40 -1.68 13.40
N GLY A 45 -0.34 -1.81 12.33
CA GLY A 45 -1.00 -3.11 12.00
C GLY A 45 -1.82 -3.61 13.19
N GLY A 46 -2.50 -2.71 13.87
CA GLY A 46 -3.32 -3.12 15.05
C GLY A 46 -4.56 -2.22 15.23
N CYS A 47 -4.83 -1.32 14.31
CA CYS A 47 -6.02 -0.42 14.48
C CYS A 47 -7.30 -1.06 13.90
N ALA A 48 -7.17 -1.94 12.93
CA ALA A 48 -8.37 -2.62 12.29
C ALA A 48 -9.16 -1.66 11.37
N THR A 49 -8.79 -0.41 11.30
CA THR A 49 -9.52 0.55 10.41
C THR A 49 -8.78 0.70 9.07
N CYS A 50 -7.55 0.24 9.01
CA CYS A 50 -6.75 0.33 7.74
C CYS A 50 -7.24 -0.70 6.72
N LYS A 51 -8.51 -0.71 6.39
CA LYS A 51 -9.03 -1.69 5.40
C LYS A 51 -8.80 -1.19 3.98
N ALA A 52 -7.64 -1.39 3.42
CA ALA A 52 -7.36 -0.88 2.05
C ALA A 52 -7.60 -1.95 0.98
N LEU A 53 -7.57 -1.64 -0.29
CA LEU A 53 -7.85 -2.71 -1.31
C LEU A 53 -6.76 -2.72 -2.39
N CYS A 54 -6.60 -3.84 -3.06
CA CYS A 54 -5.54 -3.93 -4.11
C CYS A 54 -6.14 -4.16 -5.51
N SER A 55 -5.93 -3.24 -6.43
CA SER A 55 -6.51 -3.42 -7.80
C SER A 55 -5.74 -4.49 -8.57
N GLU A 56 -4.48 -4.26 -8.86
CA GLU A 56 -3.68 -5.26 -9.61
C GLU A 56 -2.19 -5.12 -9.29
N GLY A 57 -1.45 -6.14 -9.59
CA GLY A 57 0.02 -6.14 -9.30
C GLY A 57 0.29 -7.23 -8.28
N ASP A 58 1.44 -7.83 -8.35
CA ASP A 58 1.79 -8.96 -7.43
C ASP A 58 2.46 -8.47 -6.14
N TYR A 59 2.39 -7.20 -5.84
CA TYR A 59 3.07 -6.68 -4.63
C TYR A 59 2.64 -7.42 -3.36
N ASP A 60 3.48 -7.42 -2.37
CA ASP A 60 3.20 -8.18 -1.13
C ASP A 60 2.34 -7.38 -0.16
N LEU A 61 1.85 -8.06 0.83
CA LEU A 61 0.98 -7.42 1.86
C LEU A 61 1.18 -8.09 3.21
N LYS A 62 1.97 -7.50 4.06
CA LYS A 62 2.23 -8.12 5.41
C LYS A 62 1.79 -7.20 6.55
N GLY A 63 0.83 -7.64 7.34
CA GLY A 63 0.35 -6.80 8.51
C GLY A 63 1.57 -6.39 9.35
N CYS A 64 1.35 -5.63 10.38
CA CYS A 64 2.46 -5.21 11.27
C CYS A 64 2.43 -6.05 12.55
N SER A 65 1.29 -6.14 13.21
CA SER A 65 1.21 -6.97 14.45
C SER A 65 0.81 -8.39 14.09
N VAL A 66 1.62 -9.03 13.29
CA VAL A 66 1.30 -10.45 12.88
C VAL A 66 1.28 -11.36 14.11
N GLN A 67 2.04 -11.01 15.12
CA GLN A 67 2.08 -11.85 16.36
C GLN A 67 0.78 -11.75 17.17
N ALA A 68 -0.09 -10.82 16.81
CA ALA A 68 -1.43 -10.74 17.45
C ALA A 68 -2.41 -11.38 16.46
N LEU A 69 -2.28 -11.09 15.18
CA LEU A 69 -3.22 -11.68 14.18
C LEU A 69 -2.51 -11.93 12.84
N PRO A 70 -2.75 -13.09 12.24
CA PRO A 70 -2.12 -13.40 10.93
C PRO A 70 -2.75 -12.53 9.84
N PRO A 71 -1.94 -12.02 8.94
CA PRO A 71 -2.47 -11.15 7.87
C PRO A 71 -3.05 -11.94 6.70
N GLU A 72 -3.15 -13.23 6.82
CA GLU A 72 -3.73 -14.03 5.71
C GLU A 72 -5.22 -13.70 5.63
N GLU A 73 -5.96 -14.16 6.60
CA GLU A 73 -7.43 -13.89 6.63
C GLU A 73 -7.68 -12.40 6.49
N GLU A 74 -6.75 -11.59 6.93
CA GLU A 74 -6.91 -10.11 6.81
C GLU A 74 -6.58 -9.66 5.39
N GLU A 75 -5.74 -10.43 4.72
CA GLU A 75 -5.41 -10.09 3.31
C GLU A 75 -6.57 -10.57 2.44
N GLU A 76 -7.05 -11.76 2.72
CA GLU A 76 -8.23 -12.29 1.99
C GLU A 76 -9.47 -11.45 2.38
N GLY A 77 -9.38 -10.66 3.43
CA GLY A 77 -10.51 -9.78 3.80
C GLY A 77 -10.39 -8.61 2.85
N LEU A 78 -9.22 -8.03 2.85
CA LEU A 78 -8.96 -6.85 2.00
C LEU A 78 -7.44 -6.65 1.88
N VAL A 79 -7.01 -5.43 1.66
CA VAL A 79 -5.53 -5.18 1.56
C VAL A 79 -5.09 -4.03 2.48
N LEU A 80 -3.88 -4.10 2.97
CA LEU A 80 -3.35 -3.02 3.85
C LEU A 80 -2.16 -2.33 3.15
N LEU A 81 -2.32 -1.10 2.74
CA LEU A 81 -1.21 -0.38 2.05
C LEU A 81 -0.31 0.39 3.03
N CYS A 82 -0.42 0.10 4.31
CA CYS A 82 0.42 0.84 5.31
C CYS A 82 1.92 0.73 4.96
N ARG A 83 2.34 -0.34 4.35
CA ARG A 83 3.79 -0.49 3.98
C ARG A 83 3.96 -1.44 2.79
N THR A 84 3.55 -2.68 2.96
CA THR A 84 3.65 -3.72 1.89
C THR A 84 5.03 -3.75 1.21
N TYR A 85 5.24 -4.70 0.34
CA TYR A 85 6.57 -4.84 -0.34
C TYR A 85 6.50 -4.31 -1.79
N PRO A 86 7.61 -3.79 -2.27
CA PRO A 86 7.65 -3.23 -3.65
C PRO A 86 7.95 -4.32 -4.70
N LYS A 87 7.43 -5.52 -4.56
CA LYS A 87 7.73 -6.57 -5.58
C LYS A 87 7.15 -6.14 -6.93
N THR A 88 5.84 -6.06 -7.01
CA THR A 88 5.20 -5.59 -8.28
C THR A 88 3.83 -4.99 -7.97
N ASP A 89 3.75 -3.70 -7.82
CA ASP A 89 2.43 -3.06 -7.54
C ASP A 89 1.99 -2.22 -8.74
N LEU A 90 0.91 -2.61 -9.35
CA LEU A 90 0.40 -1.90 -10.55
C LEU A 90 -0.60 -0.83 -10.13
N GLU A 91 -1.61 -1.21 -9.39
CA GLU A 91 -2.65 -0.25 -8.93
C GLU A 91 -3.17 -0.68 -7.55
N ILE A 92 -3.34 0.25 -6.65
CA ILE A 92 -3.84 -0.12 -5.28
C ILE A 92 -4.79 0.96 -4.76
N GLU A 93 -5.73 0.58 -3.94
CA GLU A 93 -6.65 1.57 -3.31
C GLU A 93 -6.03 1.88 -1.94
N LEU A 94 -6.33 3.01 -1.38
CA LEU A 94 -5.74 3.35 -0.06
C LEU A 94 -6.57 2.77 1.10
N PRO A 95 -6.08 2.94 2.30
CA PRO A 95 -6.76 2.37 3.48
C PRO A 95 -7.99 3.17 3.91
N TYR A 96 -8.10 4.36 3.40
CA TYR A 96 -9.32 5.19 3.71
C TYR A 96 -10.25 5.06 2.50
N THR A 97 -11.46 5.51 2.65
CA THR A 97 -12.46 5.40 1.55
C THR A 97 -13.60 6.40 1.77
N HIS A 98 -14.08 6.49 2.99
CA HIS A 98 -15.19 7.45 3.29
C HIS A 98 -14.73 8.49 4.31
FE1 FES B . -3.47 1.16 11.06
FE2 FES B . -2.59 0.94 8.52
S1 FES B . -3.66 2.76 9.42
S2 FES B . -2.55 -0.70 10.10
N MET A 1 19.96 -6.02 -14.27
CA MET A 1 19.57 -4.60 -14.46
C MET A 1 18.60 -4.16 -13.36
N GLN A 2 18.00 -3.00 -13.51
CA GLN A 2 17.05 -2.51 -12.49
C GLN A 2 15.60 -2.70 -12.97
N ARG A 3 14.67 -2.87 -12.07
CA ARG A 3 13.25 -3.05 -12.48
C ARG A 3 12.45 -1.78 -12.21
N VAL A 4 11.69 -1.35 -13.19
CA VAL A 4 10.88 -0.11 -13.02
C VAL A 4 9.56 -0.44 -12.31
N HIS A 5 8.92 0.54 -11.72
CA HIS A 5 7.60 0.27 -11.05
C HIS A 5 6.62 1.41 -11.35
N THR A 6 5.37 1.10 -11.43
CA THR A 6 4.33 2.14 -11.70
C THR A 6 3.21 1.99 -10.67
N ILE A 7 3.03 2.97 -9.82
CA ILE A 7 1.98 2.85 -8.77
C ILE A 7 0.82 3.83 -9.08
N THR A 8 -0.35 3.31 -9.29
CA THR A 8 -1.53 4.19 -9.54
C THR A 8 -2.51 3.98 -8.40
N ALA A 9 -2.59 4.92 -7.49
CA ALA A 9 -3.50 4.73 -6.32
C ALA A 9 -4.49 5.89 -6.17
N VAL A 10 -5.76 5.56 -6.10
CA VAL A 10 -6.79 6.61 -5.90
C VAL A 10 -7.57 6.31 -4.63
N THR A 11 -7.89 7.33 -3.88
CA THR A 11 -8.67 7.13 -2.65
C THR A 11 -10.13 7.35 -2.98
N GLU A 12 -10.98 6.48 -2.54
CA GLU A 12 -12.45 6.71 -2.78
C GLU A 12 -12.85 7.92 -1.93
N ASP A 13 -11.99 8.41 -1.04
CA ASP A 13 -12.31 9.68 -0.34
C ASP A 13 -12.32 10.79 -1.42
N GLY A 14 -11.46 10.64 -2.43
CA GLY A 14 -11.45 11.63 -3.56
C GLY A 14 -10.02 12.02 -4.01
N GLU A 15 -9.02 11.21 -3.76
CA GLU A 15 -7.64 11.57 -4.22
C GLU A 15 -7.22 10.61 -5.35
N SER A 16 -6.51 11.07 -6.35
CA SER A 16 -6.11 10.14 -7.47
C SER A 16 -4.73 10.46 -8.03
N LEU A 17 -3.81 9.52 -7.96
CA LEU A 17 -2.42 9.78 -8.44
C LEU A 17 -1.77 8.56 -9.11
N ARG A 18 -0.94 8.86 -10.06
CA ARG A 18 -0.15 7.83 -10.77
C ARG A 18 1.30 8.31 -10.73
N PHE A 19 2.13 7.67 -9.95
CA PHE A 19 3.58 8.08 -9.92
C PHE A 19 4.48 7.03 -10.51
N GLU A 20 5.74 7.34 -10.52
CA GLU A 20 6.79 6.43 -11.04
C GLU A 20 7.86 6.28 -9.98
N CYS A 21 8.36 5.11 -9.86
CA CYS A 21 9.45 4.84 -8.87
C CYS A 21 10.16 3.55 -9.25
N ARG A 22 11.48 3.55 -9.20
CA ARG A 22 12.24 2.33 -9.54
C ARG A 22 12.86 1.76 -8.28
N SER A 23 13.15 0.49 -8.29
CA SER A 23 13.76 -0.19 -7.09
C SER A 23 12.82 -0.07 -5.87
N ASP A 24 12.77 1.08 -5.26
CA ASP A 24 11.87 1.28 -4.09
C ASP A 24 10.42 1.44 -4.57
N GLU A 25 9.65 0.39 -4.47
CA GLU A 25 8.24 0.43 -4.94
C GLU A 25 7.28 0.96 -3.88
N ASP A 26 7.72 1.08 -2.64
CA ASP A 26 6.84 1.58 -1.55
C ASP A 26 6.17 2.88 -1.99
N VAL A 27 4.87 2.87 -2.00
CA VAL A 27 4.10 4.12 -2.34
C VAL A 27 4.57 5.25 -1.42
N ILE A 28 5.09 4.92 -0.26
CA ILE A 28 5.61 6.00 0.61
C ILE A 28 6.97 6.43 0.06
N THR A 29 7.92 5.53 0.03
CA THR A 29 9.28 5.89 -0.49
C THR A 29 9.19 6.52 -1.89
N ALA A 30 8.54 5.85 -2.81
CA ALA A 30 8.43 6.42 -4.19
C ALA A 30 7.86 7.84 -4.18
N ALA A 31 6.66 8.03 -3.66
CA ALA A 31 6.09 9.42 -3.66
C ALA A 31 6.80 10.26 -2.60
N LEU A 32 7.54 9.68 -1.69
CA LEU A 32 8.36 10.53 -0.80
C LEU A 32 9.55 11.03 -1.64
N ARG A 33 9.98 10.21 -2.57
CA ARG A 33 11.12 10.56 -3.46
C ARG A 33 10.67 11.45 -4.62
N GLN A 34 9.41 11.36 -4.98
CA GLN A 34 8.90 12.22 -6.08
C GLN A 34 8.59 13.63 -5.54
N ASN A 35 7.77 13.72 -4.51
CA ASN A 35 7.42 15.07 -3.91
C ASN A 35 6.31 14.94 -2.86
N ILE A 36 5.46 13.95 -2.98
CA ILE A 36 4.33 13.78 -2.01
C ILE A 36 4.78 12.94 -0.80
N PHE A 37 3.95 12.78 0.19
CA PHE A 37 4.38 11.99 1.38
C PHE A 37 3.16 11.49 2.17
N LEU A 38 2.71 10.30 1.87
CA LEU A 38 1.54 9.72 2.57
C LEU A 38 1.98 8.92 3.80
N MET A 39 1.05 8.36 4.52
CA MET A 39 1.43 7.56 5.73
C MET A 39 0.21 6.83 6.31
N SER A 40 -0.64 6.30 5.46
CA SER A 40 -1.86 5.55 5.94
C SER A 40 -2.58 6.31 7.08
N SER A 41 -2.23 6.07 8.32
CA SER A 41 -2.90 6.80 9.44
C SER A 41 -2.06 6.70 10.74
N CYS A 42 -2.21 5.64 11.49
CA CYS A 42 -1.43 5.50 12.77
C CYS A 42 -0.21 4.59 12.60
N ARG A 43 -0.09 3.89 11.48
CA ARG A 43 1.08 2.96 11.21
C ARG A 43 1.57 2.22 12.48
N GLU A 44 0.73 1.46 13.13
CA GLU A 44 1.16 0.73 14.36
C GLU A 44 1.38 -0.76 14.06
N GLY A 45 0.72 -1.30 13.06
CA GLY A 45 0.89 -2.75 12.72
C GLY A 45 0.13 -3.62 13.73
N GLY A 46 -0.90 -3.08 14.33
CA GLY A 46 -1.68 -3.86 15.35
C GLY A 46 -3.17 -3.46 15.31
N CYS A 47 -3.59 -2.69 14.33
CA CYS A 47 -5.02 -2.25 14.26
C CYS A 47 -5.71 -2.82 13.00
N ALA A 48 -5.14 -2.59 11.84
CA ALA A 48 -5.73 -3.14 10.56
C ALA A 48 -7.07 -2.48 10.19
N THR A 49 -7.52 -1.48 10.92
CA THR A 49 -8.82 -0.81 10.58
C THR A 49 -8.74 -0.12 9.21
N CYS A 50 -7.56 0.06 8.68
CA CYS A 50 -7.38 0.71 7.36
C CYS A 50 -7.18 -0.39 6.30
N LYS A 51 -8.13 -1.28 6.17
CA LYS A 51 -8.00 -2.38 5.16
C LYS A 51 -8.18 -1.86 3.74
N ALA A 52 -7.12 -1.44 3.11
CA ALA A 52 -7.22 -0.89 1.73
C ALA A 52 -7.34 -1.99 0.67
N LEU A 53 -7.59 -1.68 -0.57
CA LEU A 53 -7.75 -2.77 -1.58
C LEU A 53 -6.78 -2.57 -2.73
N CYS A 54 -6.43 -3.63 -3.42
CA CYS A 54 -5.48 -3.51 -4.55
C CYS A 54 -6.09 -3.97 -5.88
N SER A 55 -6.23 -3.09 -6.83
CA SER A 55 -6.85 -3.49 -8.14
C SER A 55 -6.01 -4.59 -8.79
N GLU A 56 -4.75 -4.34 -8.99
CA GLU A 56 -3.87 -5.36 -9.60
C GLU A 56 -2.43 -5.13 -9.16
N GLY A 57 -1.62 -6.14 -9.33
CA GLY A 57 -0.20 -6.06 -8.91
C GLY A 57 0.05 -7.12 -7.82
N ASP A 58 1.25 -7.61 -7.76
CA ASP A 58 1.60 -8.68 -6.78
C ASP A 58 2.03 -8.10 -5.41
N TYR A 59 1.70 -6.87 -5.15
CA TYR A 59 2.09 -6.23 -3.85
C TYR A 59 1.62 -7.02 -2.64
N ASP A 60 2.50 -7.32 -1.72
CA ASP A 60 2.10 -8.12 -0.53
C ASP A 60 1.72 -7.19 0.62
N LEU A 61 0.81 -7.61 1.43
CA LEU A 61 0.36 -6.77 2.59
C LEU A 61 0.58 -7.52 3.91
N LYS A 62 1.68 -7.26 4.57
CA LYS A 62 1.96 -7.95 5.86
C LYS A 62 2.04 -6.94 7.01
N GLY A 63 1.17 -7.03 7.98
CA GLY A 63 1.20 -6.08 9.13
C GLY A 63 2.58 -6.16 9.80
N CYS A 64 2.76 -5.45 10.88
CA CYS A 64 4.06 -5.49 11.60
C CYS A 64 4.05 -6.61 12.64
N SER A 65 2.91 -6.83 13.27
CA SER A 65 2.83 -7.91 14.30
C SER A 65 2.11 -9.14 13.76
N VAL A 66 2.74 -9.84 12.85
CA VAL A 66 2.11 -11.08 12.28
C VAL A 66 1.89 -12.11 13.39
N GLN A 67 2.67 -12.04 14.44
CA GLN A 67 2.52 -13.00 15.58
C GLN A 67 1.28 -12.69 16.43
N ALA A 68 0.64 -11.57 16.17
CA ALA A 68 -0.65 -11.26 16.85
C ALA A 68 -1.75 -11.60 15.85
N LEU A 69 -1.56 -11.29 14.58
CA LEU A 69 -2.61 -11.61 13.57
C LEU A 69 -1.99 -11.96 12.21
N PRO A 70 -2.32 -13.12 11.68
CA PRO A 70 -1.78 -13.51 10.35
C PRO A 70 -2.50 -12.70 9.26
N PRO A 71 -1.75 -12.16 8.32
CA PRO A 71 -2.37 -11.34 7.26
C PRO A 71 -2.90 -12.18 6.09
N GLU A 72 -2.98 -13.47 6.23
CA GLU A 72 -3.52 -14.29 5.11
C GLU A 72 -5.01 -13.98 4.98
N GLU A 73 -5.78 -14.46 5.92
CA GLU A 73 -7.25 -14.22 5.90
C GLU A 73 -7.53 -12.73 5.77
N GLU A 74 -6.62 -11.92 6.25
CA GLU A 74 -6.80 -10.44 6.13
C GLU A 74 -6.40 -9.99 4.73
N GLU A 75 -5.53 -10.74 4.10
CA GLU A 75 -5.13 -10.40 2.71
C GLU A 75 -6.29 -10.83 1.79
N GLU A 76 -6.76 -12.04 1.97
CA GLU A 76 -7.93 -12.53 1.19
C GLU A 76 -9.17 -11.69 1.54
N GLY A 77 -9.12 -10.94 2.63
CA GLY A 77 -10.26 -10.06 2.98
C GLY A 77 -10.08 -8.86 2.07
N LEU A 78 -8.89 -8.33 2.11
CA LEU A 78 -8.53 -7.13 1.33
C LEU A 78 -7.02 -6.88 1.43
N VAL A 79 -6.60 -5.66 1.28
CA VAL A 79 -5.15 -5.34 1.42
C VAL A 79 -4.94 -4.43 2.63
N LEU A 80 -4.01 -4.76 3.48
CA LEU A 80 -3.76 -3.92 4.70
C LEU A 80 -2.69 -2.87 4.40
N LEU A 81 -3.04 -1.61 4.53
CA LEU A 81 -2.03 -0.53 4.24
C LEU A 81 -1.28 -0.14 5.51
N CYS A 82 -1.36 -0.93 6.56
CA CYS A 82 -0.62 -0.59 7.81
C CYS A 82 0.89 -0.53 7.52
N ARG A 83 1.35 -1.26 6.52
CA ARG A 83 2.80 -1.24 6.15
C ARG A 83 2.95 -1.83 4.73
N THR A 84 2.56 -3.06 4.54
CA THR A 84 2.62 -3.70 3.16
C THR A 84 4.05 -3.71 2.56
N TYR A 85 4.32 -4.65 1.68
CA TYR A 85 5.68 -4.75 1.07
C TYR A 85 5.70 -4.16 -0.36
N PRO A 86 6.84 -3.63 -0.76
CA PRO A 86 6.97 -3.03 -2.11
C PRO A 86 7.19 -4.10 -3.20
N LYS A 87 6.36 -5.12 -3.26
CA LYS A 87 6.62 -6.20 -4.28
C LYS A 87 6.21 -5.77 -5.70
N THR A 88 4.94 -5.60 -5.95
CA THR A 88 4.49 -5.17 -7.30
C THR A 88 3.10 -4.53 -7.24
N ASP A 89 2.99 -3.23 -7.21
CA ASP A 89 1.63 -2.60 -7.15
C ASP A 89 1.32 -1.92 -8.47
N LEU A 90 0.35 -2.41 -9.18
CA LEU A 90 -0.03 -1.79 -10.48
C LEU A 90 -1.07 -0.70 -10.24
N GLU A 91 -2.12 -1.05 -9.55
CA GLU A 91 -3.20 -0.07 -9.22
C GLU A 91 -3.80 -0.43 -7.86
N ILE A 92 -4.00 0.51 -6.98
CA ILE A 92 -4.56 0.18 -5.63
C ILE A 92 -5.52 1.26 -5.13
N GLU A 93 -6.47 0.86 -4.30
CA GLU A 93 -7.40 1.86 -3.70
C GLU A 93 -6.79 2.21 -2.34
N LEU A 94 -7.10 3.33 -1.78
CA LEU A 94 -6.51 3.70 -0.47
C LEU A 94 -7.35 3.13 0.68
N PRO A 95 -6.88 3.31 1.90
CA PRO A 95 -7.59 2.74 3.06
C PRO A 95 -8.82 3.55 3.47
N TYR A 96 -8.93 4.74 2.94
CA TYR A 96 -10.16 5.56 3.23
C TYR A 96 -10.97 5.61 1.93
N THR A 97 -12.21 5.98 2.04
CA THR A 97 -13.09 6.05 0.82
C THR A 97 -14.14 7.15 0.98
N HIS A 98 -13.91 8.10 1.86
CA HIS A 98 -14.90 9.20 2.05
C HIS A 98 -14.30 10.33 2.89
FE1 FES B . -3.48 1.49 12.21
FE2 FES B . -3.49 0.43 9.68
S1 FES B . -1.77 1.49 10.69
S2 FES B . -5.29 0.76 11.07
N MET A 1 21.02 -5.12 -13.04
CA MET A 1 19.82 -4.53 -13.71
C MET A 1 18.80 -4.07 -12.66
N GLN A 2 18.19 -2.94 -12.88
CA GLN A 2 17.19 -2.43 -11.90
C GLN A 2 15.78 -2.67 -12.43
N ARG A 3 14.83 -2.85 -11.55
CA ARG A 3 13.41 -3.09 -11.98
C ARG A 3 12.59 -1.81 -11.83
N VAL A 4 11.81 -1.47 -12.82
CA VAL A 4 10.97 -0.24 -12.74
C VAL A 4 9.63 -0.55 -12.06
N HIS A 5 8.95 0.44 -11.55
CA HIS A 5 7.62 0.19 -10.92
C HIS A 5 6.64 1.30 -11.30
N THR A 6 5.39 0.99 -11.37
CA THR A 6 4.35 2.01 -11.72
C THR A 6 3.22 1.94 -10.69
N ILE A 7 3.04 2.98 -9.92
CA ILE A 7 2.00 2.94 -8.87
C ILE A 7 0.80 3.83 -9.23
N THR A 8 -0.35 3.25 -9.37
CA THR A 8 -1.57 4.05 -9.64
C THR A 8 -2.44 3.95 -8.38
N ALA A 9 -2.47 4.98 -7.58
CA ALA A 9 -3.25 4.90 -6.32
C ALA A 9 -4.29 6.00 -6.19
N VAL A 10 -5.52 5.62 -5.98
CA VAL A 10 -6.60 6.63 -5.77
C VAL A 10 -7.28 6.35 -4.44
N THR A 11 -7.52 7.38 -3.70
CA THR A 11 -8.21 7.19 -2.40
C THR A 11 -9.69 7.35 -2.62
N GLU A 12 -10.46 6.45 -2.11
CA GLU A 12 -11.93 6.58 -2.25
C GLU A 12 -12.39 7.81 -1.44
N ASP A 13 -11.51 8.41 -0.65
CA ASP A 13 -11.88 9.69 0.01
C ASP A 13 -12.04 10.73 -1.12
N GLY A 14 -11.25 10.58 -2.19
CA GLY A 14 -11.39 11.50 -3.36
C GLY A 14 -10.03 11.95 -3.96
N GLU A 15 -8.95 11.24 -3.71
CA GLU A 15 -7.65 11.65 -4.30
C GLU A 15 -7.25 10.61 -5.37
N SER A 16 -6.59 11.03 -6.41
CA SER A 16 -6.21 10.06 -7.49
C SER A 16 -4.84 10.37 -8.11
N LEU A 17 -3.90 9.45 -8.00
CA LEU A 17 -2.53 9.71 -8.54
C LEU A 17 -1.89 8.48 -9.19
N ARG A 18 -1.10 8.75 -10.19
CA ARG A 18 -0.34 7.72 -10.89
C ARG A 18 1.11 8.21 -10.94
N PHE A 19 1.98 7.58 -10.20
CA PHE A 19 3.41 8.01 -10.20
C PHE A 19 4.33 6.96 -10.79
N GLU A 20 5.59 7.28 -10.80
CA GLU A 20 6.64 6.37 -11.28
C GLU A 20 7.68 6.28 -10.19
N CYS A 21 8.20 5.11 -10.00
CA CYS A 21 9.25 4.91 -8.96
C CYS A 21 10.02 3.61 -9.25
N ARG A 22 11.31 3.62 -9.08
CA ARG A 22 12.10 2.40 -9.32
C ARG A 22 12.67 1.89 -8.01
N SER A 23 12.98 0.63 -7.95
CA SER A 23 13.54 0.01 -6.69
C SER A 23 12.57 0.17 -5.52
N ASP A 24 12.45 1.35 -4.97
CA ASP A 24 11.51 1.58 -3.83
C ASP A 24 10.07 1.62 -4.37
N GLU A 25 9.36 0.54 -4.25
CA GLU A 25 7.97 0.48 -4.77
C GLU A 25 6.94 1.08 -3.81
N ASP A 26 7.29 1.27 -2.55
CA ASP A 26 6.33 1.86 -1.57
C ASP A 26 5.71 3.13 -2.16
N VAL A 27 4.42 3.14 -2.28
CA VAL A 27 3.71 4.36 -2.78
C VAL A 27 4.10 5.55 -1.88
N ILE A 28 4.51 5.28 -0.66
CA ILE A 28 4.97 6.39 0.21
C ILE A 28 6.34 6.82 -0.32
N THR A 29 7.29 5.93 -0.29
CA THR A 29 8.67 6.27 -0.77
C THR A 29 8.62 6.85 -2.18
N ALA A 30 8.00 6.16 -3.10
CA ALA A 30 7.91 6.69 -4.51
C ALA A 30 7.38 8.12 -4.54
N ALA A 31 6.18 8.35 -4.05
CA ALA A 31 5.64 9.74 -4.08
C ALA A 31 6.33 10.59 -3.02
N LEU A 32 7.12 10.02 -2.14
CA LEU A 32 7.92 10.86 -1.24
C LEU A 32 9.17 11.28 -2.03
N ARG A 33 9.60 10.43 -2.95
CA ARG A 33 10.79 10.72 -3.79
C ARG A 33 10.42 11.57 -5.00
N GLN A 34 9.18 11.53 -5.40
CA GLN A 34 8.76 12.35 -6.58
C GLN A 34 8.51 13.80 -6.16
N ASN A 35 7.70 14.03 -5.15
CA ASN A 35 7.44 15.44 -4.67
C ASN A 35 6.32 15.46 -3.61
N ILE A 36 5.42 14.51 -3.65
CA ILE A 36 4.29 14.48 -2.66
C ILE A 36 4.76 13.79 -1.38
N PHE A 37 3.94 13.77 -0.36
CA PHE A 37 4.35 13.11 0.91
C PHE A 37 3.11 12.58 1.64
N LEU A 38 2.72 11.39 1.27
CA LEU A 38 1.50 10.76 1.86
C LEU A 38 1.85 9.94 3.10
N MET A 39 0.86 9.35 3.72
CA MET A 39 1.09 8.52 4.94
C MET A 39 -0.22 7.84 5.36
N SER A 40 -0.21 6.55 5.55
CA SER A 40 -1.46 5.84 5.96
C SER A 40 -1.97 6.40 7.30
N SER A 41 -1.39 5.98 8.40
CA SER A 41 -1.85 6.52 9.72
C SER A 41 -0.81 6.20 10.82
N CYS A 42 -0.99 5.12 11.57
CA CYS A 42 -0.01 4.79 12.66
C CYS A 42 0.98 3.71 12.20
N ARG A 43 0.53 2.79 11.37
CA ARG A 43 1.43 1.69 10.89
C ARG A 43 1.98 0.89 12.08
N GLU A 44 1.12 0.35 12.89
CA GLU A 44 1.58 -0.45 14.07
C GLU A 44 1.33 -1.95 13.84
N GLY A 45 0.35 -2.28 13.04
CA GLY A 45 0.05 -3.71 12.75
C GLY A 45 -0.93 -4.26 13.79
N GLY A 46 -1.85 -3.45 14.26
CA GLY A 46 -2.82 -3.93 15.28
C GLY A 46 -4.20 -3.23 15.15
N CYS A 47 -4.41 -2.42 14.14
CA CYS A 47 -5.73 -1.71 14.00
C CYS A 47 -6.75 -2.60 13.28
N ALA A 48 -6.42 -3.11 12.12
CA ALA A 48 -7.36 -3.97 11.32
C ALA A 48 -8.56 -3.14 10.80
N THR A 49 -8.55 -1.84 10.97
CA THR A 49 -9.67 -1.00 10.46
C THR A 49 -9.28 -0.40 9.10
N CYS A 50 -8.06 0.06 8.99
CA CYS A 50 -7.55 0.65 7.73
C CYS A 50 -7.36 -0.45 6.66
N LYS A 51 -8.39 -1.21 6.36
CA LYS A 51 -8.23 -2.29 5.34
C LYS A 51 -8.27 -1.72 3.92
N ALA A 52 -7.12 -1.47 3.34
CA ALA A 52 -7.08 -0.86 1.98
C ALA A 52 -7.34 -1.90 0.88
N LEU A 53 -7.51 -1.48 -0.36
CA LEU A 53 -7.79 -2.49 -1.43
C LEU A 53 -6.76 -2.39 -2.56
N CYS A 54 -6.54 -3.47 -3.27
CA CYS A 54 -5.54 -3.45 -4.38
C CYS A 54 -6.17 -3.81 -5.72
N SER A 55 -6.26 -2.87 -6.65
CA SER A 55 -6.88 -3.19 -7.97
C SER A 55 -6.07 -4.30 -8.65
N GLU A 56 -4.81 -4.08 -8.87
CA GLU A 56 -3.97 -5.13 -9.52
C GLU A 56 -2.52 -4.97 -9.11
N GLY A 57 -1.76 -6.01 -9.29
CA GLY A 57 -0.33 -5.99 -8.90
C GLY A 57 -0.11 -7.06 -7.82
N ASP A 58 1.05 -7.65 -7.81
CA ASP A 58 1.35 -8.75 -6.84
C ASP A 58 1.89 -8.21 -5.49
N TYR A 59 1.70 -6.94 -5.22
CA TYR A 59 2.21 -6.35 -3.94
C TYR A 59 1.70 -7.12 -2.71
N ASP A 60 2.58 -7.53 -1.83
CA ASP A 60 2.14 -8.32 -0.64
C ASP A 60 1.87 -7.39 0.53
N LEU A 61 1.26 -7.90 1.55
CA LEU A 61 0.94 -7.08 2.74
C LEU A 61 1.04 -7.90 4.03
N LYS A 62 2.03 -7.62 4.84
CA LYS A 62 2.21 -8.42 6.10
C LYS A 62 2.06 -7.53 7.33
N GLY A 63 1.02 -7.76 8.11
CA GLY A 63 0.80 -6.96 9.37
C GLY A 63 2.08 -7.01 10.21
N CYS A 64 2.08 -6.31 11.31
CA CYS A 64 3.27 -6.31 12.20
C CYS A 64 3.06 -7.32 13.33
N SER A 65 1.87 -7.37 13.89
CA SER A 65 1.61 -8.35 14.99
C SER A 65 1.12 -9.68 14.40
N VAL A 66 1.93 -10.31 13.62
CA VAL A 66 1.54 -11.62 13.01
C VAL A 66 1.29 -12.65 14.12
N GLN A 67 2.01 -12.53 15.21
CA GLN A 67 1.83 -13.47 16.35
C GLN A 67 0.55 -13.19 17.14
N ALA A 68 -0.10 -12.08 16.84
CA ALA A 68 -1.42 -11.78 17.45
C ALA A 68 -2.47 -12.17 16.40
N LEU A 69 -2.23 -11.85 15.15
CA LEU A 69 -3.22 -12.20 14.08
C LEU A 69 -2.51 -12.52 12.76
N PRO A 70 -2.89 -13.60 12.10
CA PRO A 70 -2.27 -13.95 10.81
C PRO A 70 -2.78 -13.01 9.71
N PRO A 71 -1.89 -12.56 8.85
CA PRO A 71 -2.29 -11.63 7.77
C PRO A 71 -2.85 -12.37 6.56
N GLU A 72 -3.10 -13.65 6.65
CA GLU A 72 -3.66 -14.36 5.48
C GLU A 72 -5.09 -13.85 5.25
N GLU A 73 -5.99 -14.23 6.12
CA GLU A 73 -7.40 -13.80 5.99
C GLU A 73 -7.47 -12.28 5.88
N GLU A 74 -6.49 -11.60 6.41
CA GLU A 74 -6.47 -10.11 6.31
C GLU A 74 -5.87 -9.69 4.96
N GLU A 75 -5.07 -10.55 4.38
CA GLU A 75 -4.53 -10.25 3.04
C GLU A 75 -5.63 -10.58 2.03
N GLU A 76 -6.22 -11.75 2.18
CA GLU A 76 -7.35 -12.16 1.30
C GLU A 76 -8.59 -11.33 1.66
N GLY A 77 -8.55 -10.55 2.74
CA GLY A 77 -9.70 -9.69 3.07
C GLY A 77 -9.56 -8.52 2.13
N LEU A 78 -8.37 -7.97 2.11
CA LEU A 78 -8.09 -6.78 1.27
C LEU A 78 -6.58 -6.53 1.23
N VAL A 79 -6.19 -5.32 0.97
CA VAL A 79 -4.73 -4.99 0.94
C VAL A 79 -4.40 -3.90 1.99
N LEU A 80 -3.31 -4.06 2.70
CA LEU A 80 -2.93 -3.04 3.74
C LEU A 80 -1.86 -2.09 3.18
N LEU A 81 -2.17 -0.82 3.09
CA LEU A 81 -1.18 0.16 2.55
C LEU A 81 -0.32 0.78 3.67
N CYS A 82 -0.60 0.49 4.91
CA CYS A 82 0.21 1.09 6.03
C CYS A 82 1.70 0.74 5.87
N ARG A 83 2.00 -0.32 5.17
CA ARG A 83 3.43 -0.70 4.94
C ARG A 83 3.52 -1.57 3.68
N THR A 84 2.89 -2.72 3.72
CA THR A 84 2.88 -3.63 2.51
C THR A 84 4.29 -3.91 1.97
N TYR A 85 4.43 -4.87 1.09
CA TYR A 85 5.76 -5.24 0.53
C TYR A 85 5.96 -4.63 -0.87
N PRO A 86 7.21 -4.32 -1.20
CA PRO A 86 7.52 -3.72 -2.53
C PRO A 86 7.58 -4.79 -3.65
N LYS A 87 6.63 -5.71 -3.71
CA LYS A 87 6.73 -6.77 -4.76
C LYS A 87 6.26 -6.26 -6.13
N THR A 88 5.00 -6.01 -6.30
CA THR A 88 4.50 -5.49 -7.61
C THR A 88 3.15 -4.75 -7.43
N ASP A 89 3.16 -3.44 -7.36
CA ASP A 89 1.87 -2.70 -7.20
C ASP A 89 1.52 -1.96 -8.48
N LEU A 90 0.51 -2.42 -9.15
CA LEU A 90 0.07 -1.76 -10.41
C LEU A 90 -0.97 -0.68 -10.11
N GLU A 91 -2.00 -1.05 -9.39
CA GLU A 91 -3.06 -0.08 -9.02
C GLU A 91 -3.64 -0.44 -7.64
N ILE A 92 -3.78 0.52 -6.76
CA ILE A 92 -4.31 0.20 -5.38
C ILE A 92 -5.19 1.34 -4.86
N GLU A 93 -6.14 1.02 -4.03
CA GLU A 93 -6.98 2.08 -3.40
C GLU A 93 -6.33 2.37 -2.04
N LEU A 94 -6.56 3.52 -1.49
CA LEU A 94 -5.92 3.83 -0.18
C LEU A 94 -6.71 3.18 0.97
N PRO A 95 -6.18 3.31 2.18
CA PRO A 95 -6.83 2.68 3.35
C PRO A 95 -8.06 3.42 3.83
N TYR A 96 -8.24 4.63 3.37
CA TYR A 96 -9.47 5.41 3.73
C TYR A 96 -10.33 5.45 2.48
N THR A 97 -11.58 5.80 2.64
CA THR A 97 -12.52 5.88 1.49
C THR A 97 -13.58 6.96 1.72
N HIS A 98 -14.10 7.05 2.92
CA HIS A 98 -15.14 8.09 3.21
C HIS A 98 -14.71 8.94 4.42
FE1 FES B . -2.92 1.32 12.24
FE2 FES B . -3.04 0.89 9.58
S1 FES B . -4.09 2.57 10.72
S2 FES B . -2.04 -0.47 11.12
N MET A 1 21.44 -3.36 -14.54
CA MET A 1 20.04 -3.25 -15.05
C MET A 1 19.08 -3.07 -13.88
N GLN A 2 18.29 -2.04 -13.92
CA GLN A 2 17.31 -1.79 -12.81
C GLN A 2 15.88 -1.99 -13.31
N ARG A 3 14.98 -2.34 -12.44
CA ARG A 3 13.57 -2.56 -12.85
C ARG A 3 12.74 -1.32 -12.51
N VAL A 4 12.00 -0.81 -13.46
CA VAL A 4 11.16 0.40 -13.19
C VAL A 4 9.83 -0.02 -12.57
N HIS A 5 9.14 0.87 -11.89
CA HIS A 5 7.81 0.49 -11.33
C HIS A 5 6.83 1.65 -11.51
N THR A 6 5.59 1.33 -11.66
CA THR A 6 4.54 2.37 -11.83
C THR A 6 3.41 2.09 -10.86
N ILE A 7 3.20 2.96 -9.89
CA ILE A 7 2.14 2.70 -8.90
C ILE A 7 0.94 3.63 -9.11
N THR A 8 -0.21 3.05 -9.31
CA THR A 8 -1.44 3.86 -9.46
C THR A 8 -2.22 3.72 -8.16
N ALA A 9 -2.21 4.72 -7.33
CA ALA A 9 -2.90 4.60 -6.02
C ALA A 9 -3.99 5.63 -5.84
N VAL A 10 -5.22 5.19 -5.72
CA VAL A 10 -6.34 6.14 -5.50
C VAL A 10 -7.02 5.81 -4.19
N THR A 11 -7.25 6.80 -3.38
CA THR A 11 -7.95 6.55 -2.11
C THR A 11 -9.43 6.67 -2.38
N GLU A 12 -10.18 5.71 -1.92
CA GLU A 12 -11.65 5.80 -2.13
C GLU A 12 -12.19 6.98 -1.29
N ASP A 13 -11.36 7.58 -0.44
CA ASP A 13 -11.81 8.83 0.24
C ASP A 13 -11.98 9.90 -0.88
N GLY A 14 -11.18 9.80 -1.94
CA GLY A 14 -11.34 10.75 -3.08
C GLY A 14 -9.99 11.17 -3.72
N GLU A 15 -8.87 10.59 -3.36
CA GLU A 15 -7.58 11.01 -3.98
C GLU A 15 -7.17 10.01 -5.07
N SER A 16 -6.60 10.49 -6.17
CA SER A 16 -6.20 9.55 -7.27
C SER A 16 -4.89 10.00 -7.95
N LEU A 17 -3.85 9.19 -7.91
CA LEU A 17 -2.56 9.64 -8.52
C LEU A 17 -1.73 8.48 -9.06
N ARG A 18 -1.00 8.74 -10.10
CA ARG A 18 -0.10 7.73 -10.68
C ARG A 18 1.34 8.19 -10.41
N PHE A 19 2.04 7.50 -9.55
CA PHE A 19 3.45 7.91 -9.24
C PHE A 19 4.42 7.04 -10.04
N GLU A 20 5.63 7.49 -10.15
CA GLU A 20 6.69 6.74 -10.85
C GLU A 20 7.85 6.58 -9.89
N CYS A 21 8.36 5.41 -9.80
CA CYS A 21 9.53 5.14 -8.91
C CYS A 21 10.15 3.80 -9.27
N ARG A 22 11.45 3.68 -9.18
CA ARG A 22 12.11 2.41 -9.50
C ARG A 22 12.62 1.75 -8.23
N SER A 23 12.83 0.46 -8.28
CA SER A 23 13.32 -0.32 -7.08
C SER A 23 12.32 -0.24 -5.91
N ASP A 24 12.16 0.91 -5.30
CA ASP A 24 11.20 1.05 -4.16
C ASP A 24 9.81 1.45 -4.68
N GLU A 25 8.89 0.53 -4.69
CA GLU A 25 7.51 0.84 -5.20
C GLU A 25 6.78 1.81 -4.28
N ASP A 26 6.54 1.42 -3.04
CA ASP A 26 5.81 2.25 -2.01
C ASP A 26 5.34 3.61 -2.54
N VAL A 27 4.05 3.77 -2.64
CA VAL A 27 3.49 5.10 -3.06
C VAL A 27 4.00 6.15 -2.06
N ILE A 28 4.37 5.76 -0.88
CA ILE A 28 4.93 6.76 0.07
C ILE A 28 6.35 7.07 -0.39
N THR A 29 7.22 6.10 -0.39
CA THR A 29 8.64 6.34 -0.82
C THR A 29 8.67 7.01 -2.19
N ALA A 30 8.02 6.43 -3.16
CA ALA A 30 8.01 7.03 -4.52
C ALA A 30 7.55 8.49 -4.49
N ALA A 31 6.36 8.76 -4.04
CA ALA A 31 5.90 10.18 -4.02
C ALA A 31 6.62 10.96 -2.91
N LEU A 32 7.34 10.30 -2.05
CA LEU A 32 8.18 11.06 -1.09
C LEU A 32 9.44 11.47 -1.86
N ARG A 33 9.86 10.63 -2.79
CA ARG A 33 11.06 10.90 -3.63
C ARG A 33 10.70 11.82 -4.80
N GLN A 34 9.46 11.83 -5.20
CA GLN A 34 9.05 12.71 -6.35
C GLN A 34 8.81 14.14 -5.85
N ASN A 35 7.98 14.32 -4.86
CA ASN A 35 7.69 15.70 -4.31
C ASN A 35 6.57 15.66 -3.26
N ILE A 36 5.67 14.72 -3.38
CA ILE A 36 4.53 14.65 -2.40
C ILE A 36 4.99 13.94 -1.13
N PHE A 37 4.15 13.88 -0.12
CA PHE A 37 4.54 13.22 1.15
C PHE A 37 3.32 12.64 1.85
N LEU A 38 2.94 11.45 1.44
CA LEU A 38 1.74 10.78 2.03
C LEU A 38 2.09 9.96 3.25
N MET A 39 1.10 9.34 3.84
CA MET A 39 1.33 8.50 5.04
C MET A 39 0.05 7.74 5.43
N SER A 40 0.14 6.45 5.61
CA SER A 40 -1.07 5.66 5.99
C SER A 40 -1.63 6.17 7.32
N SER A 41 -1.07 5.75 8.43
CA SER A 41 -1.56 6.23 9.75
C SER A 41 -0.53 5.93 10.86
N CYS A 42 -0.67 4.83 11.58
CA CYS A 42 0.32 4.51 12.66
C CYS A 42 1.34 3.47 12.17
N ARG A 43 0.98 2.67 11.19
CA ARG A 43 1.90 1.61 10.68
C ARG A 43 2.26 0.64 11.83
N GLU A 44 1.26 0.13 12.51
CA GLU A 44 1.52 -0.81 13.63
C GLU A 44 0.74 -2.14 13.45
N GLY A 45 -0.03 -2.26 12.38
CA GLY A 45 -0.80 -3.52 12.14
C GLY A 45 -1.59 -3.95 13.38
N GLY A 46 -2.33 -3.05 13.98
CA GLY A 46 -3.10 -3.41 15.21
C GLY A 46 -4.42 -2.61 15.31
N CYS A 47 -4.78 -1.84 14.31
CA CYS A 47 -6.04 -1.02 14.40
C CYS A 47 -7.22 -1.76 13.75
N ALA A 48 -6.97 -2.43 12.65
CA ALA A 48 -8.06 -3.16 11.91
C ALA A 48 -9.07 -2.16 11.30
N THR A 49 -8.76 -0.88 11.30
CA THR A 49 -9.71 0.12 10.70
C THR A 49 -9.23 0.48 9.28
N CYS A 50 -7.94 0.49 9.09
CA CYS A 50 -7.35 0.82 7.75
C CYS A 50 -7.55 -0.33 6.75
N LYS A 51 -8.78 -0.76 6.53
CA LYS A 51 -9.01 -1.86 5.54
C LYS A 51 -8.79 -1.35 4.11
N ALA A 52 -7.62 -1.53 3.58
CA ALA A 52 -7.31 -1.02 2.21
C ALA A 52 -7.60 -2.05 1.12
N LEU A 53 -7.53 -1.70 -0.14
CA LEU A 53 -7.84 -2.72 -1.20
C LEU A 53 -6.75 -2.72 -2.29
N CYS A 54 -6.62 -3.81 -3.00
CA CYS A 54 -5.57 -3.90 -4.07
C CYS A 54 -6.17 -4.12 -5.46
N SER A 55 -5.95 -3.22 -6.38
CA SER A 55 -6.51 -3.41 -7.75
C SER A 55 -5.75 -4.50 -8.50
N GLU A 56 -4.48 -4.29 -8.77
CA GLU A 56 -3.69 -5.32 -9.49
C GLU A 56 -2.20 -5.19 -9.16
N GLY A 57 -1.47 -6.23 -9.45
CA GLY A 57 -0.01 -6.24 -9.15
C GLY A 57 0.27 -7.37 -8.16
N ASP A 58 1.44 -7.94 -8.23
CA ASP A 58 1.80 -9.10 -7.35
C ASP A 58 2.43 -8.65 -6.03
N TYR A 59 2.31 -7.41 -5.69
CA TYR A 59 2.97 -6.92 -4.44
C TYR A 59 2.53 -7.71 -3.21
N ASP A 60 3.36 -7.75 -2.21
CA ASP A 60 3.05 -8.57 -1.01
C ASP A 60 2.35 -7.75 0.08
N LEU A 61 1.73 -8.43 0.98
CA LEU A 61 1.01 -7.76 2.11
C LEU A 61 1.45 -8.38 3.43
N LYS A 62 2.14 -7.64 4.25
CA LYS A 62 2.62 -8.22 5.54
C LYS A 62 2.04 -7.50 6.78
N GLY A 63 1.15 -8.15 7.50
CA GLY A 63 0.58 -7.53 8.74
C GLY A 63 1.75 -7.13 9.64
N CYS A 64 1.54 -6.21 10.55
CA CYS A 64 2.63 -5.80 11.48
C CYS A 64 2.56 -6.68 12.73
N SER A 65 1.41 -6.75 13.37
CA SER A 65 1.29 -7.60 14.58
C SER A 65 0.76 -8.98 14.18
N VAL A 66 1.48 -9.64 13.33
CA VAL A 66 1.04 -11.00 12.86
C VAL A 66 0.96 -11.97 14.06
N GLN A 67 1.71 -11.70 15.10
CA GLN A 67 1.69 -12.59 16.29
C GLN A 67 0.40 -12.43 17.11
N ALA A 68 -0.39 -11.42 16.80
CA ALA A 68 -1.71 -11.25 17.45
C ALA A 68 -2.74 -11.76 16.43
N LEU A 69 -2.58 -11.46 15.18
CA LEU A 69 -3.56 -11.94 14.15
C LEU A 69 -2.87 -12.22 12.81
N PRO A 70 -3.21 -13.34 12.19
CA PRO A 70 -2.59 -13.67 10.88
C PRO A 70 -3.18 -12.76 9.79
N PRO A 71 -2.34 -12.26 8.90
CA PRO A 71 -2.83 -11.36 7.84
C PRO A 71 -3.42 -12.13 6.66
N GLU A 72 -3.53 -13.43 6.75
CA GLU A 72 -4.12 -14.19 5.63
C GLU A 72 -5.61 -13.85 5.56
N GLU A 73 -6.35 -14.31 6.53
CA GLU A 73 -7.82 -14.02 6.57
C GLU A 73 -8.05 -12.52 6.44
N GLU A 74 -7.12 -11.74 6.90
CA GLU A 74 -7.25 -10.25 6.78
C GLU A 74 -6.87 -9.80 5.38
N GLU A 75 -6.05 -10.58 4.71
CA GLU A 75 -5.68 -10.26 3.31
C GLU A 75 -6.86 -10.68 2.43
N GLU A 76 -7.36 -11.88 2.65
CA GLU A 76 -8.55 -12.34 1.89
C GLU A 76 -9.76 -11.47 2.26
N GLY A 77 -9.66 -10.71 3.34
CA GLY A 77 -10.75 -9.78 3.69
C GLY A 77 -10.55 -8.59 2.76
N LEU A 78 -9.34 -8.10 2.77
CA LEU A 78 -8.98 -6.94 1.95
C LEU A 78 -7.45 -6.76 1.90
N VAL A 79 -7.01 -5.56 1.64
CA VAL A 79 -5.54 -5.31 1.60
C VAL A 79 -5.16 -4.21 2.62
N LEU A 80 -3.97 -4.26 3.15
CA LEU A 80 -3.53 -3.24 4.15
C LEU A 80 -2.37 -2.41 3.56
N LEU A 81 -2.61 -1.16 3.28
CA LEU A 81 -1.54 -0.30 2.68
C LEU A 81 -0.71 0.42 3.76
N CYS A 82 -0.83 0.00 5.01
CA CYS A 82 -0.06 0.67 6.09
C CYS A 82 1.45 0.44 5.92
N ARG A 83 1.84 -0.52 5.10
CA ARG A 83 3.29 -0.79 4.87
C ARG A 83 3.48 -1.64 3.61
N THR A 84 2.92 -2.82 3.61
CA THR A 84 2.98 -3.77 2.45
C THR A 84 4.37 -3.89 1.78
N TYR A 85 4.51 -4.80 0.84
CA TYR A 85 5.84 -5.02 0.17
C TYR A 85 5.88 -4.40 -1.24
N PRO A 86 7.05 -3.89 -1.62
CA PRO A 86 7.20 -3.27 -2.96
C PRO A 86 7.65 -4.30 -4.02
N LYS A 87 7.21 -5.53 -3.94
CA LYS A 87 7.67 -6.54 -4.95
C LYS A 87 7.18 -6.13 -6.35
N THR A 88 5.89 -6.09 -6.53
CA THR A 88 5.33 -5.65 -7.85
C THR A 88 3.94 -5.07 -7.63
N ASP A 89 3.84 -3.78 -7.48
CA ASP A 89 2.51 -3.15 -7.25
C ASP A 89 2.09 -2.31 -8.45
N LEU A 90 1.05 -2.71 -9.10
CA LEU A 90 0.55 -1.98 -10.30
C LEU A 90 -0.48 -0.92 -9.92
N GLU A 91 -1.50 -1.33 -9.20
CA GLU A 91 -2.57 -0.38 -8.78
C GLU A 91 -3.12 -0.78 -7.40
N ILE A 92 -3.28 0.16 -6.51
CA ILE A 92 -3.80 -0.18 -5.14
C ILE A 92 -4.73 0.92 -4.63
N GLU A 93 -5.68 0.55 -3.81
CA GLU A 93 -6.57 1.58 -3.19
C GLU A 93 -5.95 1.89 -1.82
N LEU A 94 -6.21 3.03 -1.27
CA LEU A 94 -5.61 3.38 0.04
C LEU A 94 -6.41 2.75 1.20
N PRO A 95 -5.90 2.92 2.40
CA PRO A 95 -6.57 2.32 3.58
C PRO A 95 -7.82 3.08 4.01
N TYR A 96 -7.98 4.27 3.52
CA TYR A 96 -9.23 5.04 3.81
C TYR A 96 -10.12 4.93 2.58
N THR A 97 -11.37 5.23 2.73
CA THR A 97 -12.33 5.14 1.58
C THR A 97 -13.57 5.97 1.86
N HIS A 98 -13.44 7.03 2.64
CA HIS A 98 -14.61 7.89 2.96
C HIS A 98 -14.16 9.32 3.20
FE1 FES B . -3.02 1.31 12.33
FE2 FES B . -3.22 0.69 9.70
S1 FES B . -2.58 -0.72 11.37
S2 FES B . -4.12 2.53 10.73
N MET A 1 20.74 -4.76 -14.49
CA MET A 1 19.95 -3.52 -14.73
C MET A 1 18.90 -3.34 -13.62
N GLN A 2 18.28 -2.19 -13.57
CA GLN A 2 17.25 -1.94 -12.52
C GLN A 2 15.85 -2.07 -13.11
N ARG A 3 14.88 -2.46 -12.30
CA ARG A 3 13.49 -2.61 -12.82
C ARG A 3 12.66 -1.37 -12.47
N VAL A 4 11.92 -0.86 -13.43
CA VAL A 4 11.07 0.35 -13.17
C VAL A 4 9.76 -0.06 -12.52
N HIS A 5 9.08 0.86 -11.87
CA HIS A 5 7.75 0.49 -11.27
C HIS A 5 6.75 1.63 -11.52
N THR A 6 5.51 1.29 -11.68
CA THR A 6 4.46 2.31 -11.92
C THR A 6 3.32 2.06 -10.94
N ILE A 7 3.09 2.95 -10.02
CA ILE A 7 2.03 2.74 -9.02
C ILE A 7 0.82 3.66 -9.27
N THR A 8 -0.33 3.08 -9.45
CA THR A 8 -1.56 3.90 -9.65
C THR A 8 -2.36 3.77 -8.37
N ALA A 9 -2.38 4.80 -7.55
CA ALA A 9 -3.10 4.69 -6.26
C ALA A 9 -4.16 5.77 -6.09
N VAL A 10 -5.40 5.37 -6.01
CA VAL A 10 -6.49 6.36 -5.79
C VAL A 10 -7.15 6.08 -4.46
N THR A 11 -7.35 7.09 -3.67
CA THR A 11 -8.03 6.88 -2.38
C THR A 11 -9.51 6.98 -2.62
N GLU A 12 -10.26 6.05 -2.11
CA GLU A 12 -11.74 6.13 -2.28
C GLU A 12 -12.24 7.32 -1.46
N ASP A 13 -11.40 7.94 -0.65
CA ASP A 13 -11.82 9.20 0.03
C ASP A 13 -12.01 10.25 -1.09
N GLY A 14 -11.20 10.15 -2.15
CA GLY A 14 -11.35 11.07 -3.31
C GLY A 14 -10.02 11.54 -3.92
N GLU A 15 -8.92 10.84 -3.71
CA GLU A 15 -7.62 11.27 -4.32
C GLU A 15 -7.19 10.27 -5.40
N SER A 16 -6.61 10.73 -6.49
CA SER A 16 -6.20 9.76 -7.57
C SER A 16 -4.88 10.19 -8.24
N LEU A 17 -3.85 9.37 -8.18
CA LEU A 17 -2.54 9.78 -8.79
C LEU A 17 -1.73 8.60 -9.29
N ARG A 18 -0.94 8.85 -10.30
CA ARG A 18 -0.02 7.80 -10.82
C ARG A 18 1.40 8.24 -10.49
N PHE A 19 2.05 7.55 -9.58
CA PHE A 19 3.45 7.94 -9.22
C PHE A 19 4.44 7.06 -9.99
N GLU A 20 5.66 7.49 -10.06
CA GLU A 20 6.72 6.71 -10.74
C GLU A 20 7.86 6.53 -9.75
N CYS A 21 8.37 5.35 -9.69
CA CYS A 21 9.50 5.05 -8.77
C CYS A 21 10.21 3.76 -9.20
N ARG A 22 11.51 3.72 -9.12
CA ARG A 22 12.25 2.51 -9.51
C ARG A 22 12.79 1.84 -8.25
N SER A 23 12.98 0.55 -8.30
CA SER A 23 13.50 -0.22 -7.11
C SER A 23 12.55 -0.10 -5.92
N ASP A 24 12.51 1.04 -5.27
CA ASP A 24 11.58 1.24 -4.12
C ASP A 24 10.16 1.49 -4.62
N GLU A 25 9.32 0.50 -4.54
CA GLU A 25 7.92 0.65 -5.04
C GLU A 25 7.06 1.53 -4.13
N ASP A 26 6.89 1.13 -2.87
CA ASP A 26 6.05 1.88 -1.85
C ASP A 26 5.49 3.20 -2.38
N VAL A 27 4.20 3.27 -2.49
CA VAL A 27 3.54 4.54 -2.94
C VAL A 27 3.95 5.67 -1.97
N ILE A 28 4.27 5.34 -0.75
CA ILE A 28 4.72 6.42 0.19
C ILE A 28 6.16 6.79 -0.19
N THR A 29 7.07 5.85 -0.25
CA THR A 29 8.48 6.20 -0.61
C THR A 29 8.54 6.87 -1.96
N ALA A 30 7.93 6.27 -2.96
CA ALA A 30 7.92 6.88 -4.32
C ALA A 30 7.42 8.32 -4.27
N ALA A 31 6.20 8.52 -3.83
CA ALA A 31 5.66 9.91 -3.76
C ALA A 31 6.37 10.69 -2.67
N LEU A 32 7.07 10.05 -1.76
CA LEU A 32 7.89 10.83 -0.82
C LEU A 32 9.12 11.32 -1.60
N ARG A 33 9.57 10.50 -2.51
CA ARG A 33 10.76 10.84 -3.34
C ARG A 33 10.37 11.76 -4.51
N GLN A 34 9.11 11.73 -4.90
CA GLN A 34 8.66 12.61 -6.01
C GLN A 34 8.32 14.00 -5.46
N ASN A 35 7.46 14.07 -4.47
CA ASN A 35 7.08 15.41 -3.86
C ASN A 35 5.95 15.24 -2.83
N ILE A 36 5.08 14.27 -3.02
CA ILE A 36 3.93 14.07 -2.08
C ILE A 36 4.41 13.35 -0.81
N PHE A 37 3.54 13.17 0.15
CA PHE A 37 3.97 12.48 1.40
C PHE A 37 2.75 11.90 2.14
N LEU A 38 2.38 10.70 1.79
CA LEU A 38 1.20 10.03 2.41
C LEU A 38 1.58 9.26 3.66
N MET A 39 0.61 8.64 4.28
CA MET A 39 0.88 7.84 5.51
C MET A 39 -0.36 7.03 5.88
N SER A 40 -0.17 5.82 6.36
CA SER A 40 -1.34 4.97 6.74
C SER A 40 -2.17 5.66 7.83
N SER A 41 -1.83 5.48 9.10
CA SER A 41 -2.62 6.14 10.18
C SER A 41 -1.87 6.13 11.52
N CYS A 42 -1.90 5.02 12.23
CA CYS A 42 -1.21 4.95 13.56
C CYS A 42 0.17 4.27 13.45
N ARG A 43 0.38 3.48 12.42
CA ARG A 43 1.68 2.76 12.25
C ARG A 43 1.94 1.88 13.49
N GLU A 44 0.92 1.22 13.98
CA GLU A 44 1.09 0.33 15.17
C GLU A 44 0.94 -1.14 14.74
N GLY A 45 0.20 -1.39 13.70
CA GLY A 45 0.05 -2.78 13.19
C GLY A 45 -1.18 -3.49 13.78
N GLY A 46 -2.07 -2.80 14.46
CA GLY A 46 -3.25 -3.52 15.05
C GLY A 46 -4.52 -2.65 15.11
N CYS A 47 -4.54 -1.45 14.59
CA CYS A 47 -5.79 -0.62 14.68
C CYS A 47 -6.88 -1.12 13.69
N ALA A 48 -6.54 -2.00 12.77
CA ALA A 48 -7.55 -2.55 11.80
C ALA A 48 -8.30 -1.43 11.07
N THR A 49 -7.70 -0.28 10.96
CA THR A 49 -8.34 0.88 10.26
C THR A 49 -7.81 0.97 8.83
N CYS A 50 -6.54 0.72 8.65
CA CYS A 50 -5.93 0.78 7.28
C CYS A 50 -6.38 -0.39 6.41
N LYS A 51 -7.68 -0.59 6.26
CA LYS A 51 -8.18 -1.70 5.39
C LYS A 51 -8.16 -1.25 3.94
N ALA A 52 -7.04 -1.36 3.28
CA ALA A 52 -6.93 -0.87 1.87
C ALA A 52 -7.21 -1.95 0.81
N LEU A 53 -7.28 -1.63 -0.45
CA LEU A 53 -7.58 -2.69 -1.47
C LEU A 53 -6.55 -2.64 -2.60
N CYS A 54 -6.35 -3.76 -3.27
CA CYS A 54 -5.35 -3.78 -4.38
C CYS A 54 -5.98 -4.18 -5.72
N SER A 55 -6.10 -3.26 -6.66
CA SER A 55 -6.74 -3.61 -7.97
C SER A 55 -5.91 -4.69 -8.68
N GLU A 56 -4.66 -4.41 -8.96
CA GLU A 56 -3.82 -5.43 -9.66
C GLU A 56 -2.34 -5.23 -9.33
N GLY A 57 -1.57 -6.24 -9.60
CA GLY A 57 -0.11 -6.19 -9.30
C GLY A 57 0.21 -7.32 -8.31
N ASP A 58 1.41 -7.83 -8.38
CA ASP A 58 1.82 -8.97 -7.49
C ASP A 58 2.36 -8.49 -6.13
N TYR A 59 2.09 -7.26 -5.76
CA TYR A 59 2.59 -6.72 -4.46
C TYR A 59 2.20 -7.62 -3.28
N ASP A 60 3.16 -8.00 -2.47
CA ASP A 60 2.87 -8.92 -1.34
C ASP A 60 2.22 -8.16 -0.21
N LEU A 61 1.39 -8.84 0.53
CA LEU A 61 0.68 -8.18 1.67
C LEU A 61 1.02 -8.89 2.98
N LYS A 62 1.83 -8.27 3.78
CA LYS A 62 2.22 -8.89 5.09
C LYS A 62 1.76 -8.02 6.26
N GLY A 63 0.86 -8.53 7.06
CA GLY A 63 0.36 -7.75 8.24
C GLY A 63 1.56 -7.25 9.06
N CYS A 64 1.34 -6.34 9.97
CA CYS A 64 2.44 -5.84 10.81
C CYS A 64 2.43 -6.58 12.15
N SER A 65 1.32 -6.58 12.85
CA SER A 65 1.25 -7.32 14.14
C SER A 65 0.80 -8.76 13.89
N VAL A 66 1.54 -9.46 13.07
CA VAL A 66 1.19 -10.88 12.76
C VAL A 66 1.22 -11.73 14.03
N GLN A 67 1.98 -11.34 15.01
CA GLN A 67 2.08 -12.15 16.27
C GLN A 67 0.79 -12.08 17.10
N ALA A 68 -0.08 -11.15 16.78
CA ALA A 68 -1.41 -11.08 17.45
C ALA A 68 -2.42 -11.71 16.48
N LEU A 69 -2.32 -11.44 15.20
CA LEU A 69 -3.31 -12.04 14.24
C LEU A 69 -2.65 -12.34 12.88
N PRO A 70 -2.94 -13.49 12.32
CA PRO A 70 -2.36 -13.85 11.00
C PRO A 70 -2.99 -12.96 9.91
N PRO A 71 -2.18 -12.44 9.02
CA PRO A 71 -2.70 -11.55 7.96
C PRO A 71 -3.25 -12.31 6.76
N GLU A 72 -3.43 -13.60 6.86
CA GLU A 72 -3.98 -14.35 5.70
C GLU A 72 -5.44 -13.92 5.52
N GLU A 73 -6.28 -14.34 6.42
CA GLU A 73 -7.73 -13.99 6.36
C GLU A 73 -7.87 -12.47 6.23
N GLU A 74 -6.92 -11.74 6.75
CA GLU A 74 -6.98 -10.25 6.66
C GLU A 74 -6.46 -9.81 5.30
N GLU A 75 -5.63 -10.62 4.68
CA GLU A 75 -5.15 -10.29 3.31
C GLU A 75 -6.29 -10.63 2.36
N GLU A 76 -6.85 -11.80 2.52
CA GLU A 76 -8.02 -12.21 1.68
C GLU A 76 -9.23 -11.31 2.04
N GLY A 77 -9.15 -10.57 3.13
CA GLY A 77 -10.25 -9.63 3.47
C GLY A 77 -10.03 -8.45 2.55
N LEU A 78 -8.82 -7.98 2.55
CA LEU A 78 -8.45 -6.81 1.72
C LEU A 78 -6.93 -6.63 1.70
N VAL A 79 -6.49 -5.45 1.40
CA VAL A 79 -5.02 -5.18 1.38
C VAL A 79 -4.67 -4.09 2.39
N LEU A 80 -3.68 -4.33 3.22
CA LEU A 80 -3.27 -3.33 4.24
C LEU A 80 -2.18 -2.41 3.66
N LEU A 81 -2.40 -1.12 3.70
CA LEU A 81 -1.39 -0.17 3.16
C LEU A 81 -0.39 0.25 4.26
N CYS A 82 -0.36 -0.44 5.36
CA CYS A 82 0.58 -0.08 6.46
C CYS A 82 2.03 -0.14 5.96
N ARG A 83 2.42 -1.25 5.40
CA ARG A 83 3.82 -1.38 4.88
C ARG A 83 3.81 -2.17 3.56
N THR A 84 3.34 -3.39 3.59
CA THR A 84 3.26 -4.22 2.35
C THR A 84 4.63 -4.38 1.67
N TYR A 85 4.79 -5.38 0.83
CA TYR A 85 6.12 -5.62 0.17
C TYR A 85 6.21 -4.89 -1.19
N PRO A 86 7.41 -4.48 -1.55
CA PRO A 86 7.63 -3.77 -2.83
C PRO A 86 7.77 -4.75 -4.02
N LYS A 87 6.90 -5.74 -4.14
CA LYS A 87 7.09 -6.73 -5.27
C LYS A 87 6.57 -6.17 -6.60
N THR A 88 5.29 -5.99 -6.74
CA THR A 88 4.73 -5.43 -8.02
C THR A 88 3.35 -4.81 -7.79
N ASP A 89 3.27 -3.52 -7.65
CA ASP A 89 1.93 -2.88 -7.44
C ASP A 89 1.52 -2.10 -8.68
N LEU A 90 0.52 -2.56 -9.35
CA LEU A 90 0.05 -1.88 -10.59
C LEU A 90 -1.02 -0.84 -10.25
N GLU A 91 -2.03 -1.25 -9.52
CA GLU A 91 -3.13 -0.30 -9.13
C GLU A 91 -3.66 -0.69 -7.75
N ILE A 92 -3.77 0.25 -6.85
CA ILE A 92 -4.27 -0.07 -5.47
C ILE A 92 -5.09 1.10 -4.93
N GLU A 93 -6.02 0.81 -4.04
CA GLU A 93 -6.80 1.90 -3.39
C GLU A 93 -6.10 2.21 -2.08
N LEU A 94 -6.30 3.37 -1.52
CA LEU A 94 -5.61 3.72 -0.26
C LEU A 94 -6.35 3.11 0.95
N PRO A 95 -5.79 3.27 2.13
CA PRO A 95 -6.39 2.67 3.34
C PRO A 95 -7.66 3.39 3.78
N TYR A 96 -7.86 4.59 3.29
CA TYR A 96 -9.12 5.33 3.61
C TYR A 96 -10.02 5.19 2.40
N THR A 97 -11.28 5.48 2.57
CA THR A 97 -12.26 5.37 1.45
C THR A 97 -13.49 6.23 1.74
N HIS A 98 -13.33 7.28 2.50
CA HIS A 98 -14.49 8.17 2.83
C HIS A 98 -14.00 9.57 3.17
FE1 FES B . -2.95 1.16 12.11
FE2 FES B . -2.12 -0.01 9.79
S1 FES B . -2.45 -1.04 11.81
S2 FES B . -2.52 2.23 10.14
N MET A 1 21.04 -4.40 -14.82
CA MET A 1 19.86 -3.60 -15.23
C MET A 1 18.86 -3.48 -14.08
N GLN A 2 18.22 -2.35 -13.95
CA GLN A 2 17.23 -2.16 -12.83
C GLN A 2 15.80 -2.30 -13.36
N ARG A 3 14.87 -2.55 -12.48
CA ARG A 3 13.44 -2.70 -12.92
C ARG A 3 12.64 -1.45 -12.56
N VAL A 4 11.84 -0.96 -13.48
CA VAL A 4 11.03 0.25 -13.19
C VAL A 4 9.71 -0.15 -12.53
N HIS A 5 9.05 0.77 -11.85
CA HIS A 5 7.74 0.43 -11.22
C HIS A 5 6.75 1.57 -11.43
N THR A 6 5.50 1.25 -11.57
CA THR A 6 4.46 2.30 -11.77
C THR A 6 3.31 2.05 -10.78
N ILE A 7 3.11 2.93 -9.84
CA ILE A 7 2.04 2.71 -8.84
C ILE A 7 0.85 3.64 -9.10
N THR A 8 -0.30 3.07 -9.32
CA THR A 8 -1.52 3.89 -9.52
C THR A 8 -2.33 3.78 -8.24
N ALA A 9 -2.35 4.80 -7.44
CA ALA A 9 -3.07 4.69 -6.14
C ALA A 9 -4.13 5.78 -6.00
N VAL A 10 -5.37 5.38 -5.90
CA VAL A 10 -6.45 6.38 -5.71
C VAL A 10 -7.11 6.12 -4.37
N THR A 11 -7.29 7.14 -3.59
CA THR A 11 -7.99 6.93 -2.31
C THR A 11 -9.46 7.09 -2.58
N GLU A 12 -10.25 6.17 -2.10
CA GLU A 12 -11.72 6.30 -2.29
C GLU A 12 -12.21 7.51 -1.50
N ASP A 13 -11.36 8.15 -0.69
CA ASP A 13 -11.80 9.41 -0.05
C ASP A 13 -12.05 10.41 -1.21
N GLY A 14 -11.30 10.29 -2.29
CA GLY A 14 -11.55 11.16 -3.48
C GLY A 14 -10.28 11.62 -4.23
N GLU A 15 -9.10 11.11 -3.91
CA GLU A 15 -7.88 11.57 -4.69
C GLU A 15 -7.32 10.44 -5.54
N SER A 16 -6.77 10.77 -6.68
CA SER A 16 -6.24 9.70 -7.61
C SER A 16 -4.90 10.13 -8.25
N LEU A 17 -3.87 9.31 -8.13
CA LEU A 17 -2.55 9.72 -8.70
C LEU A 17 -1.72 8.54 -9.19
N ARG A 18 -0.91 8.79 -10.17
CA ARG A 18 0.01 7.76 -10.68
C ARG A 18 1.43 8.21 -10.36
N PHE A 19 2.08 7.54 -9.44
CA PHE A 19 3.47 7.96 -9.10
C PHE A 19 4.46 7.07 -9.86
N GLU A 20 5.69 7.48 -9.97
CA GLU A 20 6.72 6.67 -10.67
C GLU A 20 7.86 6.45 -9.70
N CYS A 21 8.39 5.27 -9.70
CA CYS A 21 9.54 4.95 -8.80
C CYS A 21 10.23 3.66 -9.26
N ARG A 22 11.53 3.63 -9.23
CA ARG A 22 12.27 2.42 -9.62
C ARG A 22 12.87 1.79 -8.37
N SER A 23 13.14 0.52 -8.42
CA SER A 23 13.73 -0.21 -7.23
C SER A 23 12.78 -0.13 -6.03
N ASP A 24 12.70 1.00 -5.39
CA ASP A 24 11.78 1.16 -4.22
C ASP A 24 10.36 1.44 -4.72
N GLU A 25 9.51 0.44 -4.67
CA GLU A 25 8.11 0.62 -5.14
C GLU A 25 7.29 1.48 -4.18
N ASP A 26 7.14 1.02 -2.93
CA ASP A 26 6.37 1.72 -1.85
C ASP A 26 5.78 3.07 -2.30
N VAL A 27 4.47 3.15 -2.35
CA VAL A 27 3.80 4.44 -2.72
C VAL A 27 4.27 5.52 -1.73
N ILE A 28 4.68 5.15 -0.55
CA ILE A 28 5.16 6.20 0.39
C ILE A 28 6.58 6.60 -0.05
N THR A 29 7.52 5.70 0.00
CA THR A 29 8.92 6.06 -0.40
C THR A 29 8.94 6.68 -1.79
N ALA A 30 8.31 6.04 -2.74
CA ALA A 30 8.28 6.59 -4.13
C ALA A 30 7.68 7.99 -4.16
N ALA A 31 6.45 8.13 -3.72
CA ALA A 31 5.80 9.48 -3.75
C ALA A 31 6.40 10.37 -2.67
N LEU A 32 7.22 9.86 -1.80
CA LEU A 32 7.93 10.76 -0.87
C LEU A 32 9.16 11.28 -1.65
N ARG A 33 9.69 10.46 -2.53
CA ARG A 33 10.87 10.83 -3.35
C ARG A 33 10.45 11.66 -4.57
N GLN A 34 9.23 11.48 -5.01
CA GLN A 34 8.74 12.24 -6.20
C GLN A 34 8.44 13.70 -5.79
N ASN A 35 7.60 13.86 -4.79
CA ASN A 35 7.21 15.23 -4.28
C ASN A 35 6.01 15.11 -3.34
N ILE A 36 5.21 14.08 -3.50
CA ILE A 36 4.01 13.90 -2.61
C ILE A 36 4.50 13.47 -1.24
N PHE A 37 3.60 13.41 -0.28
CA PHE A 37 3.99 13.01 1.09
C PHE A 37 2.80 12.40 1.84
N LEU A 38 2.48 11.18 1.50
CA LEU A 38 1.31 10.49 2.11
C LEU A 38 1.69 9.74 3.39
N MET A 39 0.73 9.12 4.00
CA MET A 39 0.96 8.35 5.25
C MET A 39 -0.32 7.63 5.67
N SER A 40 -0.25 6.33 5.83
CA SER A 40 -1.48 5.56 6.24
C SER A 40 -2.05 6.13 7.56
N SER A 41 -1.48 5.76 8.68
CA SER A 41 -1.99 6.30 9.98
C SER A 41 -0.97 6.06 11.11
N CYS A 42 -1.04 4.94 11.80
CA CYS A 42 -0.07 4.66 12.90
C CYS A 42 1.05 3.72 12.45
N ARG A 43 0.79 2.93 11.43
CA ARG A 43 1.84 1.96 10.93
C ARG A 43 2.25 1.00 12.06
N GLU A 44 1.29 0.36 12.68
CA GLU A 44 1.61 -0.59 13.80
C GLU A 44 1.00 -1.98 13.55
N GLY A 45 0.24 -2.14 12.48
CA GLY A 45 -0.37 -3.47 12.18
C GLY A 45 -1.19 -3.98 13.39
N GLY A 46 -2.05 -3.16 13.94
CA GLY A 46 -2.86 -3.59 15.12
C GLY A 46 -4.24 -2.93 15.15
N CYS A 47 -4.63 -2.18 14.13
CA CYS A 47 -5.96 -1.50 14.15
C CYS A 47 -7.02 -2.33 13.44
N ALA A 48 -6.70 -2.84 12.27
CA ALA A 48 -7.69 -3.65 11.46
C ALA A 48 -8.84 -2.76 10.94
N THR A 49 -8.73 -1.45 11.09
CA THR A 49 -9.80 -0.55 10.58
C THR A 49 -9.40 -0.01 9.20
N CYS A 50 -8.14 0.28 9.05
CA CYS A 50 -7.60 0.78 7.75
C CYS A 50 -7.59 -0.35 6.71
N LYS A 51 -8.71 -0.97 6.45
CA LYS A 51 -8.74 -2.09 5.45
C LYS A 51 -8.70 -1.56 4.03
N ALA A 52 -7.52 -1.37 3.48
CA ALA A 52 -7.41 -0.79 2.11
C ALA A 52 -7.66 -1.85 1.02
N LEU A 53 -7.74 -1.48 -0.24
CA LEU A 53 -8.02 -2.52 -1.28
C LEU A 53 -6.94 -2.50 -2.37
N CYS A 54 -6.74 -3.63 -3.02
CA CYS A 54 -5.70 -3.71 -4.07
C CYS A 54 -6.29 -4.08 -5.44
N SER A 55 -6.15 -3.23 -6.43
CA SER A 55 -6.74 -3.54 -7.76
C SER A 55 -5.93 -4.64 -8.45
N GLU A 56 -4.67 -4.41 -8.74
CA GLU A 56 -3.85 -5.44 -9.40
C GLU A 56 -2.36 -5.25 -9.07
N GLY A 57 -1.60 -6.27 -9.30
CA GLY A 57 -0.14 -6.22 -8.99
C GLY A 57 0.16 -7.28 -7.93
N ASP A 58 1.35 -7.81 -7.95
CA ASP A 58 1.74 -8.90 -6.99
C ASP A 58 2.26 -8.34 -5.66
N TYR A 59 2.00 -7.08 -5.37
CA TYR A 59 2.51 -6.47 -4.09
C TYR A 59 2.12 -7.31 -2.87
N ASP A 60 3.09 -7.68 -2.08
CA ASP A 60 2.80 -8.53 -0.88
C ASP A 60 2.30 -7.67 0.26
N LEU A 61 1.76 -8.29 1.26
CA LEU A 61 1.24 -7.55 2.42
C LEU A 61 1.42 -8.35 3.72
N LYS A 62 2.35 -7.94 4.55
CA LYS A 62 2.59 -8.67 5.81
C LYS A 62 2.27 -7.78 7.03
N GLY A 63 1.21 -8.11 7.74
CA GLY A 63 0.82 -7.30 8.95
C GLY A 63 2.05 -7.06 9.83
N CYS A 64 1.94 -6.16 10.77
CA CYS A 64 3.08 -5.89 11.70
C CYS A 64 2.96 -6.82 12.90
N SER A 65 1.80 -6.89 13.50
CA SER A 65 1.61 -7.80 14.67
C SER A 65 1.04 -9.14 14.20
N VAL A 66 1.77 -9.84 13.38
CA VAL A 66 1.29 -11.15 12.87
C VAL A 66 1.08 -12.13 14.04
N GLN A 67 1.83 -11.95 15.09
CA GLN A 67 1.70 -12.85 16.27
C GLN A 67 0.43 -12.55 17.08
N ALA A 68 -0.23 -11.45 16.77
CA ALA A 68 -1.53 -11.13 17.39
C ALA A 68 -2.60 -11.52 16.35
N LEU A 69 -2.36 -11.23 15.10
CA LEU A 69 -3.37 -11.57 14.05
C LEU A 69 -2.67 -11.95 12.73
N PRO A 70 -2.99 -13.11 12.19
CA PRO A 70 -2.38 -13.53 10.90
C PRO A 70 -2.92 -12.64 9.76
N PRO A 71 -2.05 -12.16 8.91
CA PRO A 71 -2.50 -11.28 7.81
C PRO A 71 -3.03 -12.05 6.60
N GLU A 72 -3.20 -13.34 6.71
CA GLU A 72 -3.73 -14.09 5.54
C GLU A 72 -5.18 -13.68 5.34
N GLU A 73 -6.04 -14.11 6.22
CA GLU A 73 -7.48 -13.77 6.12
C GLU A 73 -7.65 -12.26 6.00
N GLU A 74 -6.71 -11.52 6.53
CA GLU A 74 -6.78 -10.03 6.41
C GLU A 74 -6.26 -9.58 5.06
N GLU A 75 -5.42 -10.38 4.45
CA GLU A 75 -4.93 -10.06 3.09
C GLU A 75 -6.03 -10.45 2.10
N GLU A 76 -6.55 -11.65 2.27
CA GLU A 76 -7.67 -12.11 1.40
C GLU A 76 -8.94 -11.29 1.75
N GLY A 77 -8.93 -10.53 2.83
CA GLY A 77 -10.09 -9.68 3.16
C GLY A 77 -9.93 -8.50 2.23
N LEU A 78 -8.76 -7.93 2.27
CA LEU A 78 -8.44 -6.74 1.46
C LEU A 78 -6.93 -6.47 1.52
N VAL A 79 -6.53 -5.25 1.31
CA VAL A 79 -5.07 -4.94 1.40
C VAL A 79 -4.83 -3.77 2.39
N LEU A 80 -3.69 -3.76 3.02
CA LEU A 80 -3.37 -2.67 4.00
C LEU A 80 -2.19 -1.84 3.49
N LEU A 81 -2.38 -0.56 3.35
CA LEU A 81 -1.28 0.32 2.84
C LEU A 81 -0.43 0.88 4.00
N CYS A 82 -0.55 0.33 5.18
CA CYS A 82 0.25 0.85 6.33
C CYS A 82 1.73 0.47 6.18
N ARG A 83 2.04 -0.51 5.38
CA ARG A 83 3.47 -0.92 5.18
C ARG A 83 3.62 -1.78 3.91
N THR A 84 2.95 -2.91 3.90
CA THR A 84 2.97 -3.84 2.71
C THR A 84 4.36 -4.05 2.08
N TYR A 85 4.45 -4.92 1.11
CA TYR A 85 5.79 -5.24 0.48
C TYR A 85 5.97 -4.58 -0.90
N PRO A 86 7.20 -4.26 -1.24
CA PRO A 86 7.51 -3.62 -2.55
C PRO A 86 7.67 -4.64 -3.68
N LYS A 87 6.81 -5.64 -3.77
CA LYS A 87 7.00 -6.67 -4.84
C LYS A 87 6.52 -6.17 -6.23
N THR A 88 5.24 -6.00 -6.40
CA THR A 88 4.72 -5.51 -7.71
C THR A 88 3.34 -4.83 -7.54
N ASP A 89 3.29 -3.53 -7.48
CA ASP A 89 1.96 -2.85 -7.33
C ASP A 89 1.57 -2.14 -8.61
N LEU A 90 0.55 -2.61 -9.25
CA LEU A 90 0.08 -1.98 -10.50
C LEU A 90 -0.94 -0.89 -10.16
N GLU A 91 -1.95 -1.25 -9.41
CA GLU A 91 -2.99 -0.25 -8.99
C GLU A 91 -3.54 -0.64 -7.61
N ILE A 92 -3.66 0.31 -6.70
CA ILE A 92 -4.19 -0.02 -5.34
C ILE A 92 -5.06 1.12 -4.81
N GLU A 93 -6.02 0.79 -3.97
CA GLU A 93 -6.86 1.84 -3.34
C GLU A 93 -6.23 2.13 -1.98
N LEU A 94 -6.44 3.28 -1.42
CA LEU A 94 -5.83 3.59 -0.10
C LEU A 94 -6.67 3.04 1.05
N PRO A 95 -6.16 3.19 2.26
CA PRO A 95 -6.86 2.64 3.45
C PRO A 95 -8.08 3.46 3.86
N TYR A 96 -8.17 4.66 3.37
CA TYR A 96 -9.39 5.49 3.66
C TYR A 96 -10.27 5.42 2.43
N THR A 97 -11.51 5.82 2.57
CA THR A 97 -12.46 5.78 1.42
C THR A 97 -13.59 6.81 1.62
N HIS A 98 -14.09 6.94 2.82
CA HIS A 98 -15.19 7.92 3.08
C HIS A 98 -14.88 8.74 4.33
FE1 FES B . -3.09 1.21 12.36
FE2 FES B . -3.17 0.62 9.72
S1 FES B . -2.44 -0.75 11.39
S2 FES B . -4.22 2.38 10.75
N MET A 1 20.74 -4.82 -14.76
CA MET A 1 19.86 -3.62 -14.94
C MET A 1 18.82 -3.55 -13.83
N GLN A 2 18.07 -2.48 -13.76
CA GLN A 2 17.03 -2.34 -12.70
C GLN A 2 15.64 -2.40 -13.33
N ARG A 3 14.66 -2.84 -12.57
CA ARG A 3 13.27 -2.93 -13.12
C ARG A 3 12.46 -1.69 -12.73
N VAL A 4 11.67 -1.18 -13.62
CA VAL A 4 10.85 0.03 -13.31
C VAL A 4 9.51 -0.38 -12.69
N HIS A 5 8.85 0.51 -11.99
CA HIS A 5 7.52 0.16 -11.42
C HIS A 5 6.56 1.34 -11.59
N THR A 6 5.30 1.04 -11.75
CA THR A 6 4.29 2.11 -11.93
C THR A 6 3.13 1.88 -10.96
N ILE A 7 2.92 2.77 -10.02
CA ILE A 7 1.83 2.56 -9.04
C ILE A 7 0.68 3.57 -9.29
N THR A 8 -0.49 3.07 -9.54
CA THR A 8 -1.66 3.97 -9.73
C THR A 8 -2.54 3.78 -8.51
N ALA A 9 -2.53 4.73 -7.61
CA ALA A 9 -3.33 4.56 -6.36
C ALA A 9 -4.33 5.69 -6.15
N VAL A 10 -5.56 5.34 -5.95
CA VAL A 10 -6.60 6.37 -5.69
C VAL A 10 -7.27 6.09 -4.36
N THR A 11 -7.45 7.11 -3.57
CA THR A 11 -8.12 6.92 -2.27
C THR A 11 -9.61 7.07 -2.50
N GLU A 12 -10.38 6.17 -1.97
CA GLU A 12 -11.85 6.31 -2.13
C GLU A 12 -12.30 7.53 -1.30
N ASP A 13 -11.42 8.12 -0.50
CA ASP A 13 -11.78 9.39 0.17
C ASP A 13 -11.93 10.44 -0.95
N GLY A 14 -11.15 10.30 -2.02
CA GLY A 14 -11.27 11.24 -3.17
C GLY A 14 -9.91 11.67 -3.78
N GLU A 15 -8.84 10.93 -3.56
CA GLU A 15 -7.52 11.32 -4.16
C GLU A 15 -7.11 10.32 -5.24
N SER A 16 -6.49 10.76 -6.31
CA SER A 16 -6.09 9.81 -7.39
C SER A 16 -4.74 10.19 -8.03
N LEU A 17 -3.75 9.32 -7.96
CA LEU A 17 -2.41 9.68 -8.50
C LEU A 17 -1.63 8.48 -9.03
N ARG A 18 -0.92 8.69 -10.09
CA ARG A 18 -0.05 7.64 -10.65
C ARG A 18 1.40 8.04 -10.36
N PHE A 19 2.05 7.34 -9.47
CA PHE A 19 3.47 7.68 -9.14
C PHE A 19 4.42 6.77 -9.92
N GLU A 20 5.65 7.18 -10.02
CA GLU A 20 6.69 6.38 -10.70
C GLU A 20 7.83 6.16 -9.73
N CYS A 21 8.29 4.96 -9.68
CA CYS A 21 9.44 4.60 -8.78
C CYS A 21 10.04 3.27 -9.24
N ARG A 22 11.35 3.13 -9.18
CA ARG A 22 11.99 1.88 -9.60
C ARG A 22 12.56 1.18 -8.37
N SER A 23 12.76 -0.11 -8.46
CA SER A 23 13.31 -0.92 -7.32
C SER A 23 12.38 -0.81 -6.10
N ASP A 24 12.41 0.29 -5.41
CA ASP A 24 11.52 0.48 -4.24
C ASP A 24 10.27 1.23 -4.70
N GLU A 25 9.18 0.53 -4.83
CA GLU A 25 7.93 1.19 -5.32
C GLU A 25 7.36 2.15 -4.26
N ASP A 26 6.96 1.63 -3.12
CA ASP A 26 6.39 2.46 -1.97
C ASP A 26 5.76 3.77 -2.47
N VAL A 27 4.45 3.81 -2.60
CA VAL A 27 3.76 5.08 -3.03
C VAL A 27 4.19 6.23 -2.11
N ILE A 28 4.58 5.95 -0.89
CA ILE A 28 5.05 7.07 -0.03
C ILE A 28 6.48 7.44 -0.44
N THR A 29 7.37 6.48 -0.49
CA THR A 29 8.79 6.78 -0.89
C THR A 29 8.84 7.43 -2.26
N ALA A 30 8.22 6.83 -3.24
CA ALA A 30 8.24 7.42 -4.61
C ALA A 30 7.73 8.87 -4.60
N ALA A 31 6.51 9.08 -4.19
CA ALA A 31 5.98 10.47 -4.18
C ALA A 31 6.67 11.29 -3.11
N LEU A 32 7.35 10.69 -2.17
CA LEU A 32 8.15 11.51 -1.24
C LEU A 32 9.40 11.96 -2.03
N ARG A 33 9.83 11.15 -2.97
CA ARG A 33 11.01 11.47 -3.80
C ARG A 33 10.62 12.33 -5.01
N GLN A 34 9.38 12.25 -5.43
CA GLN A 34 8.92 13.06 -6.59
C GLN A 34 8.67 14.50 -6.16
N ASN A 35 7.87 14.70 -5.12
CA ASN A 35 7.57 16.09 -4.61
C ASN A 35 6.44 16.04 -3.57
N ILE A 36 5.55 15.08 -3.67
CA ILE A 36 4.40 14.98 -2.71
C ILE A 36 4.85 14.25 -1.45
N PHE A 37 4.01 14.16 -0.45
CA PHE A 37 4.42 13.46 0.80
C PHE A 37 3.19 12.88 1.52
N LEU A 38 2.85 11.67 1.17
CA LEU A 38 1.66 11.00 1.75
C LEU A 38 2.01 10.24 3.02
N MET A 39 1.02 9.62 3.62
CA MET A 39 1.25 8.85 4.88
C MET A 39 -0.03 8.13 5.29
N SER A 40 0.01 6.82 5.40
CA SER A 40 -1.22 6.05 5.81
C SER A 40 -1.76 6.58 7.15
N SER A 41 -1.22 6.11 8.26
CA SER A 41 -1.70 6.61 9.59
C SER A 41 -0.71 6.23 10.71
N CYS A 42 -0.95 5.16 11.43
CA CYS A 42 0.00 4.77 12.53
C CYS A 42 0.91 3.61 12.10
N ARG A 43 0.39 2.70 11.30
CA ARG A 43 1.21 1.53 10.84
C ARG A 43 1.72 0.74 12.05
N GLU A 44 0.83 0.27 12.88
CA GLU A 44 1.25 -0.52 14.09
C GLU A 44 1.00 -2.02 13.86
N GLY A 45 0.05 -2.37 13.03
CA GLY A 45 -0.23 -3.81 12.76
C GLY A 45 -1.26 -4.34 13.76
N GLY A 46 -2.14 -3.50 14.25
CA GLY A 46 -3.16 -3.97 15.24
C GLY A 46 -4.49 -3.20 15.11
N CYS A 47 -4.63 -2.34 14.12
CA CYS A 47 -5.91 -1.57 13.98
C CYS A 47 -7.02 -2.42 13.37
N ALA A 48 -6.76 -3.02 12.22
CA ALA A 48 -7.79 -3.87 11.52
C ALA A 48 -8.94 -3.02 10.95
N THR A 49 -8.90 -1.71 11.09
CA THR A 49 -9.99 -0.85 10.54
C THR A 49 -9.55 -0.30 9.17
N CYS A 50 -8.30 0.08 9.07
CA CYS A 50 -7.75 0.62 7.79
C CYS A 50 -7.61 -0.51 6.75
N LYS A 51 -8.68 -1.22 6.45
CA LYS A 51 -8.58 -2.32 5.45
C LYS A 51 -8.49 -1.76 4.03
N ALA A 52 -7.28 -1.61 3.53
CA ALA A 52 -7.12 -1.02 2.16
C ALA A 52 -7.35 -2.06 1.06
N LEU A 53 -7.41 -1.68 -0.20
CA LEU A 53 -7.67 -2.70 -1.26
C LEU A 53 -6.61 -2.60 -2.37
N CYS A 54 -6.32 -3.70 -3.02
CA CYS A 54 -5.31 -3.69 -4.11
C CYS A 54 -5.90 -4.17 -5.44
N SER A 55 -6.02 -3.31 -6.42
CA SER A 55 -6.62 -3.75 -7.72
C SER A 55 -5.77 -4.86 -8.34
N GLU A 56 -4.50 -4.60 -8.55
CA GLU A 56 -3.62 -5.64 -9.13
C GLU A 56 -2.17 -5.38 -8.73
N GLY A 57 -1.35 -6.38 -8.88
CA GLY A 57 0.08 -6.27 -8.49
C GLY A 57 0.39 -7.31 -7.41
N ASP A 58 1.59 -7.81 -7.40
CA ASP A 58 1.99 -8.85 -6.41
C ASP A 58 2.49 -8.23 -5.09
N TYR A 59 2.20 -6.98 -4.84
CA TYR A 59 2.68 -6.31 -3.58
C TYR A 59 2.27 -7.12 -2.33
N ASP A 60 3.18 -7.44 -1.44
CA ASP A 60 2.81 -8.26 -0.26
C ASP A 60 2.58 -7.37 0.96
N LEU A 61 1.48 -7.59 1.64
CA LEU A 61 1.17 -6.75 2.83
C LEU A 61 0.62 -7.57 4.02
N LYS A 62 1.47 -7.90 4.95
CA LYS A 62 1.02 -8.68 6.15
C LYS A 62 1.07 -7.81 7.41
N GLY A 63 0.05 -7.90 8.23
CA GLY A 63 0.00 -7.09 9.50
C GLY A 63 1.32 -7.27 10.27
N CYS A 64 1.54 -6.45 11.26
CA CYS A 64 2.79 -6.56 12.07
C CYS A 64 2.58 -7.55 13.21
N SER A 65 1.41 -7.57 13.80
CA SER A 65 1.15 -8.54 14.92
C SER A 65 0.67 -9.87 14.36
N VAL A 66 1.48 -10.50 13.56
CA VAL A 66 1.09 -11.83 12.97
C VAL A 66 0.89 -12.85 14.10
N GLN A 67 1.59 -12.68 15.18
CA GLN A 67 1.46 -13.62 16.34
C GLN A 67 0.16 -13.38 17.13
N ALA A 68 -0.53 -12.30 16.82
CA ALA A 68 -1.87 -12.05 17.45
C ALA A 68 -2.89 -12.48 16.39
N LEU A 69 -2.65 -12.17 15.14
CA LEU A 69 -3.62 -12.56 14.07
C LEU A 69 -2.89 -12.89 12.77
N PRO A 70 -3.28 -13.97 12.11
CA PRO A 70 -2.62 -14.34 10.84
C PRO A 70 -3.05 -13.37 9.73
N PRO A 71 -2.11 -12.96 8.90
CA PRO A 71 -2.44 -12.00 7.82
C PRO A 71 -3.04 -12.68 6.61
N GLU A 72 -3.29 -13.95 6.66
CA GLU A 72 -3.90 -14.63 5.48
C GLU A 72 -5.32 -14.12 5.32
N GLU A 73 -6.18 -14.51 6.21
CA GLU A 73 -7.60 -14.07 6.15
C GLU A 73 -7.67 -12.54 6.05
N GLU A 74 -6.68 -11.88 6.59
CA GLU A 74 -6.67 -10.39 6.51
C GLU A 74 -6.11 -9.94 5.16
N GLU A 75 -5.34 -10.78 4.53
CA GLU A 75 -4.83 -10.45 3.19
C GLU A 75 -5.95 -10.77 2.20
N GLU A 76 -6.53 -11.94 2.34
CA GLU A 76 -7.68 -12.34 1.47
C GLU A 76 -8.90 -11.49 1.84
N GLY A 77 -8.85 -10.75 2.92
CA GLY A 77 -9.98 -9.85 3.27
C GLY A 77 -9.80 -8.67 2.35
N LEU A 78 -8.61 -8.14 2.37
CA LEU A 78 -8.28 -6.96 1.54
C LEU A 78 -6.76 -6.72 1.55
N VAL A 79 -6.36 -5.49 1.34
CA VAL A 79 -4.90 -5.17 1.34
C VAL A 79 -4.59 -4.07 2.38
N LEU A 80 -3.41 -4.10 2.95
CA LEU A 80 -3.02 -3.06 3.94
C LEU A 80 -1.92 -2.16 3.37
N LEU A 81 -2.25 -0.94 3.06
CA LEU A 81 -1.22 -0.01 2.47
C LEU A 81 -0.51 0.79 3.57
N CYS A 82 -0.62 0.39 4.82
CA CYS A 82 0.06 1.15 5.91
C CYS A 82 1.58 0.90 5.89
N ARG A 83 2.02 -0.17 5.25
CA ARG A 83 3.49 -0.46 5.17
C ARG A 83 3.77 -1.32 3.95
N THR A 84 3.17 -2.50 3.91
CA THR A 84 3.31 -3.47 2.77
C THR A 84 4.73 -3.57 2.16
N TYR A 85 4.91 -4.44 1.21
CA TYR A 85 6.26 -4.67 0.60
C TYR A 85 6.32 -4.12 -0.83
N PRO A 86 7.51 -3.68 -1.23
CA PRO A 86 7.70 -3.12 -2.59
C PRO A 86 7.84 -4.22 -3.67
N LYS A 87 7.00 -5.24 -3.66
CA LYS A 87 7.19 -6.32 -4.69
C LYS A 87 6.66 -5.87 -6.05
N THR A 88 5.37 -5.75 -6.21
CA THR A 88 4.81 -5.29 -7.52
C THR A 88 3.39 -4.72 -7.36
N ASP A 89 3.23 -3.42 -7.28
CA ASP A 89 1.85 -2.87 -7.14
C ASP A 89 1.42 -2.17 -8.43
N LEU A 90 0.47 -2.70 -9.11
CA LEU A 90 0.01 -2.09 -10.38
C LEU A 90 -1.02 -0.99 -10.09
N GLU A 91 -2.04 -1.32 -9.34
CA GLU A 91 -3.09 -0.33 -8.98
C GLU A 91 -3.63 -0.67 -7.58
N ILE A 92 -3.76 0.30 -6.70
CA ILE A 92 -4.25 -0.01 -5.32
C ILE A 92 -5.14 1.13 -4.79
N GLU A 93 -6.06 0.80 -3.92
CA GLU A 93 -6.89 1.85 -3.29
C GLU A 93 -6.22 2.17 -1.95
N LEU A 94 -6.42 3.35 -1.43
CA LEU A 94 -5.75 3.70 -0.15
C LEU A 94 -6.50 3.11 1.04
N PRO A 95 -5.94 3.28 2.23
CA PRO A 95 -6.56 2.70 3.44
C PRO A 95 -7.80 3.46 3.91
N TYR A 96 -7.95 4.66 3.43
CA TYR A 96 -9.19 5.44 3.76
C TYR A 96 -10.06 5.42 2.53
N THR A 97 -11.32 5.73 2.69
CA THR A 97 -12.27 5.73 1.54
C THR A 97 -13.37 6.78 1.75
N HIS A 98 -13.13 7.75 2.60
CA HIS A 98 -14.17 8.80 2.86
C HIS A 98 -13.54 10.02 3.55
FE1 FES B . -3.05 1.46 12.04
FE2 FES B . -3.25 0.93 9.40
S1 FES B . -4.28 2.63 10.52
S2 FES B . -1.98 -0.24 10.92
#